data_5KK5
#
_entry.id   5KK5
#
_cell.length_a   195.737
_cell.length_b   195.737
_cell.length_c   125.206
_cell.angle_alpha   90.00
_cell.angle_beta   90.00
_cell.angle_gamma   90.00
#
_symmetry.space_group_name_H-M   'P 41 21 2'
#
loop_
_entity.id
_entity.type
_entity.pdbx_description
1 polymer 'CRISPR-associated endonuclease Cpf1'
2 polymer 'RNA (40-MER)'
3 polymer 'DNA (28-MER)'
4 polymer 'DNA (8-mer)'
#
loop_
_entity_poly.entity_id
_entity_poly.type
_entity_poly.pdbx_seq_one_letter_code
_entity_poly.pdbx_strand_id
1 'polypeptide(L)'
;SMTQFEGFTNLYQVSKTLRFELIPQGKTLKHIQEQGFIEEDKARNDHYKELKPIIDRIYKTYADQCLQLVQLDWENLSAA
IDSYRKEKTEETRNALIEEQATYRNAIHDYFIGRTDNLTDAINKRHAEIYKGLFKAELFNGKVLKQLGTVTTTEHENALL
RSFDKFTTYFSGFYENRKNVFSAEDISTAIPHRIVQDNFPKFKENCHIFTRLITAVPSLREHFENVKKAIGIFVSTSIEE
VFSFPFYNQLLTQTQIDLYNQLLGGISREAGTEKIKGLNEVLNLAIQKNDETAHIIASLPHRFIPLFKQILSDRNTLSFI
LEEFKSDEEVIQSFCKYKTLLRNENVLETAEALFNELNSIDLTHIFISHKKLETISSALCDHWDTLRNALYERRISELTG
KITKSAKEKVQRSLKHEDINLQEIISAAGKELSEAFKQKTSEILSHAHAALDQPLPTTLKKQEEKEILKSQLDSLLGLYH
LLDWFAVDESNEVDPEFSARLTGIKLEMEPSLSFYNKARNYATKKPYSVEKFKLNFQMPTLASGWDVNKEKNNGAILFVK
NGLYYLGIMPKQKGRYKALSFEPTEKTSEGFDKMYYDYFPDAAKMIPKCSTQLKAVTAHFQTHTTPILLSNNFIEPLEIT
KEIYDLNNPEKEPKKFQTAYAKKTGDQKGYREALCKWIDFTRDFLSKYTKTTSIDLSSLRPSSQYKDLGEYYAELNPLLY
HISFQRIAEKEIMDAVETGKLYLFQIYNKDFAKGHHGKPNLHTLYWTGLFSPENLAKTSIKLNGQAELFYRPKSRMKRMA
HRLGEKMLNKKLKDQKTPIPDTLYQELYDYVNHRLSHDLSDEARALLPNVITKEVSHEIIKDRRFTSDKFFFHVPITLNY
QAANSPSKFNQRVNAYLKEHPETPIIGIDRGERNLIYITVIDSTGKILEQRSLNTIQQFDYQKKLDNREKERVAARQAWS
VVGTIKDLKQGYLSQVIHEIVDLMIHYQAVVVLANLNFGFKSKRTGIAEKAVYQQFEKMLIDKLNCLVLKDYPAEKVGGV
LNPYQLTDQFTSFAKMGTQSGFLFYVPAPYTSKIDPLTGFVDPFVWKTIKNHESRKHFLEGFDFLHYDVKTGDFILHFKM
NRNLSFQRGLPGFMPAWDIVFEKNETQFDAKGTPFIAGKRIVPVIENHRFTGRYRDLYPANELIALLEEKGIVFRDGSNI
LPKLLENDDSHAIDTMVALIRSVLQMRNSNAATGEDYINSPVRDLNGVCFDSRFQNPEWPMDADANGAYHIALKGQLLLN
HLKESKDLKLQNGISNQDWLAYIQELRN
;
A
2 'polyribonucleotide' UAAUUUCUACUCUUGUAGAUGAGAAGUCAUUUAAUAAGGCCACUC B
3 'polydeoxyribonucleotide'
;(DG)(DA)(DG)(DT)(DG)(DG)(DC)(DC)(DT)(DT)(DA)(DT)(DT)(DA)(DA)(DA)(DT)(DG)(DA)(DC)
(DT)(DT)(DC)(DT)(DC)(DG)(DA)(DA)(DA)(DC)(DA)(DT)(DG)
;
C
4 'polydeoxyribonucleotide' (DC)(DA)(DT)(DG)(DT)(DT)(DT)(DC) D
#
loop_
_chem_comp.id
_chem_comp.type
_chem_comp.name
_chem_comp.formula
A RNA linking ADENOSINE-5'-MONOPHOSPHATE 'C10 H14 N5 O7 P'
C RNA linking CYTIDINE-5'-MONOPHOSPHATE 'C9 H14 N3 O8 P'
DA DNA linking 2'-DEOXYADENOSINE-5'-MONOPHOSPHATE 'C10 H14 N5 O6 P'
DC DNA linking 2'-DEOXYCYTIDINE-5'-MONOPHOSPHATE 'C9 H14 N3 O7 P'
DG DNA linking 2'-DEOXYGUANOSINE-5'-MONOPHOSPHATE 'C10 H14 N5 O7 P'
DT DNA linking THYMIDINE-5'-MONOPHOSPHATE 'C10 H15 N2 O8 P'
G RNA linking GUANOSINE-5'-MONOPHOSPHATE 'C10 H14 N5 O8 P'
U RNA linking URIDINE-5'-MONOPHOSPHATE 'C9 H13 N2 O9 P'
#
# COMPACT_ATOMS: atom_id res chain seq x y z
N GLU A 6 34.27 -0.14 -9.30
CA GLU A 6 33.20 0.85 -9.38
C GLU A 6 32.93 1.35 -10.79
N GLY A 7 32.83 2.67 -10.90
CA GLY A 7 32.43 3.29 -12.14
C GLY A 7 30.97 3.15 -12.47
N PHE A 8 30.13 2.73 -11.52
CA PHE A 8 28.70 2.60 -11.82
C PHE A 8 28.14 4.01 -11.79
N THR A 9 27.83 4.53 -12.98
CA THR A 9 27.36 5.89 -13.15
C THR A 9 26.77 5.99 -14.55
N ASN A 10 25.89 6.97 -14.74
CA ASN A 10 25.40 7.30 -16.08
C ASN A 10 24.78 6.07 -16.76
N LEU A 11 24.16 5.19 -15.96
CA LEU A 11 23.60 3.96 -16.52
C LEU A 11 22.21 4.17 -17.08
N TYR A 12 21.35 4.89 -16.36
CA TYR A 12 20.02 5.20 -16.86
C TYR A 12 19.54 6.49 -16.22
N GLN A 13 18.73 7.24 -16.98
CA GLN A 13 18.31 8.56 -16.53
C GLN A 13 17.28 8.48 -15.41
N VAL A 14 17.33 9.45 -14.52
CA VAL A 14 16.36 9.60 -13.43
C VAL A 14 15.76 10.99 -13.55
N SER A 15 14.47 11.13 -13.28
CA SER A 15 13.81 12.44 -13.36
C SER A 15 13.27 12.82 -11.99
N LYS A 16 13.61 14.03 -11.54
CA LYS A 16 13.28 14.52 -10.21
C LYS A 16 12.64 15.90 -10.34
N THR A 17 12.03 16.38 -9.26
CA THR A 17 11.32 17.65 -9.29
C THR A 17 11.77 18.53 -8.13
N LEU A 18 12.13 19.77 -8.45
CA LEU A 18 12.58 20.77 -7.50
C LEU A 18 11.46 21.76 -7.19
N ARG A 19 11.43 22.21 -5.94
CA ARG A 19 10.45 23.17 -5.46
C ARG A 19 11.18 24.38 -4.92
N PHE A 20 10.67 25.58 -5.22
CA PHE A 20 11.29 26.79 -4.73
C PHE A 20 10.21 27.79 -4.34
N GLU A 21 10.64 28.92 -3.80
CA GLU A 21 9.74 30.04 -3.54
C GLU A 21 10.08 31.16 -4.52
N LEU A 22 9.03 31.79 -5.03
CA LEU A 22 9.12 32.91 -5.95
C LEU A 22 8.80 34.19 -5.20
N ILE A 23 9.71 35.16 -5.26
CA ILE A 23 9.52 36.42 -4.54
C ILE A 23 9.35 37.54 -5.56
N PRO A 24 8.19 38.18 -5.61
CA PRO A 24 7.99 39.27 -6.59
C PRO A 24 8.91 40.45 -6.33
N GLN A 25 9.22 41.19 -7.40
CA GLN A 25 10.14 42.32 -7.37
C GLN A 25 9.44 43.59 -7.85
N GLY A 26 9.60 44.67 -7.10
CA GLY A 26 9.09 45.96 -7.54
C GLY A 26 7.59 45.94 -7.73
N LYS A 27 7.13 46.52 -8.84
CA LYS A 27 5.70 46.61 -9.13
C LYS A 27 5.05 45.26 -9.42
N THR A 28 5.86 44.22 -9.69
CA THR A 28 5.32 42.92 -10.12
C THR A 28 4.19 42.44 -9.21
N LEU A 29 4.50 42.25 -7.92
CA LEU A 29 3.49 41.88 -6.95
C LEU A 29 2.28 42.79 -7.03
N LYS A 30 2.50 44.11 -6.97
CA LYS A 30 1.38 45.05 -7.14
C LYS A 30 0.63 44.78 -8.43
N HIS A 31 1.36 44.58 -9.54
CA HIS A 31 0.73 44.29 -10.82
C HIS A 31 -0.27 43.15 -10.69
N ILE A 32 0.13 42.03 -10.07
CA ILE A 32 -0.78 40.90 -9.90
C ILE A 32 -2.06 41.36 -9.20
N GLN A 33 -1.92 42.10 -8.10
CA GLN A 33 -3.07 42.65 -7.41
C GLN A 33 -3.97 43.42 -8.37
N GLU A 34 -3.39 44.37 -9.10
CA GLU A 34 -4.21 45.14 -10.04
C GLU A 34 -4.84 44.22 -11.07
N GLN A 35 -4.08 43.24 -11.56
CA GLN A 35 -4.65 42.31 -12.53
C GLN A 35 -5.55 41.28 -11.87
N GLY A 36 -5.39 41.06 -10.57
CA GLY A 36 -6.19 40.10 -9.86
C GLY A 36 -6.08 38.72 -10.45
N PHE A 37 -4.88 38.39 -10.96
CA PHE A 37 -4.66 37.07 -11.54
C PHE A 37 -5.04 35.95 -10.59
N ILE A 38 -4.76 36.15 -9.30
CA ILE A 38 -4.94 35.06 -8.32
C ILE A 38 -6.40 34.68 -8.20
N GLU A 39 -7.29 35.66 -8.15
CA GLU A 39 -8.72 35.37 -8.01
C GLU A 39 -9.25 34.60 -9.21
N GLU A 40 -8.80 34.96 -10.41
CA GLU A 40 -9.23 34.23 -11.60
C GLU A 40 -8.58 32.85 -11.67
N ASP A 41 -7.37 32.71 -11.15
CA ASP A 41 -6.66 31.43 -11.21
C ASP A 41 -7.28 30.43 -10.25
N LYS A 42 -7.39 30.80 -8.98
CA LYS A 42 -8.10 29.95 -8.02
C LYS A 42 -9.55 29.77 -8.43
N ALA A 43 -10.16 30.78 -9.02
CA ALA A 43 -11.53 30.64 -9.47
C ALA A 43 -11.63 29.55 -10.53
N ARG A 44 -10.70 29.55 -11.50
CA ARG A 44 -10.66 28.50 -12.49
C ARG A 44 -10.42 27.14 -11.84
N ASN A 45 -9.54 27.07 -10.82
CA ASN A 45 -9.34 25.80 -10.11
C ASN A 45 -10.64 25.30 -9.50
N ASP A 46 -11.32 26.17 -8.74
CA ASP A 46 -12.62 25.85 -8.16
C ASP A 46 -13.56 25.32 -9.22
N HIS A 47 -13.66 26.04 -10.34
CA HIS A 47 -14.53 25.59 -11.43
C HIS A 47 -14.09 24.24 -11.99
N TYR A 48 -12.80 23.94 -11.93
CA TYR A 48 -12.32 22.65 -12.42
C TYR A 48 -12.84 21.54 -11.52
N LYS A 49 -12.72 21.71 -10.21
CA LYS A 49 -13.28 20.73 -9.29
C LYS A 49 -14.79 20.61 -9.45
N GLU A 50 -15.47 21.72 -9.78
CA GLU A 50 -16.90 21.67 -10.04
C GLU A 50 -17.21 20.90 -11.32
N LEU A 51 -16.37 21.09 -12.34
CA LEU A 51 -16.64 20.61 -13.70
C LEU A 51 -16.29 19.13 -13.86
N LYS A 52 -15.29 18.65 -13.13
CA LYS A 52 -14.81 17.28 -13.26
C LYS A 52 -15.92 16.23 -13.17
N PRO A 53 -16.74 16.20 -12.12
CA PRO A 53 -17.69 15.10 -11.98
C PRO A 53 -18.71 15.04 -13.12
N ILE A 54 -19.03 16.18 -13.70
CA ILE A 54 -19.91 16.30 -14.87
C ILE A 54 -19.33 15.52 -16.05
N ILE A 55 -18.17 15.99 -16.52
CA ILE A 55 -17.47 15.34 -17.62
C ILE A 55 -17.25 13.87 -17.31
N ASP A 56 -16.98 13.56 -16.05
CA ASP A 56 -16.89 12.16 -15.63
C ASP A 56 -18.21 11.45 -15.82
N ARG A 57 -19.34 12.14 -15.69
CA ARG A 57 -20.61 11.50 -16.02
C ARG A 57 -20.68 11.18 -17.50
N ILE A 58 -20.10 12.04 -18.36
CA ILE A 58 -19.96 11.69 -19.77
C ILE A 58 -19.22 10.36 -19.91
N TYR A 59 -17.96 10.34 -19.48
CA TYR A 59 -17.13 9.14 -19.62
C TYR A 59 -17.83 7.90 -19.06
N LYS A 60 -18.37 8.02 -17.84
CA LYS A 60 -19.05 6.90 -17.19
C LYS A 60 -20.18 6.37 -18.05
N THR A 61 -21.09 7.26 -18.47
CA THR A 61 -22.24 6.82 -19.25
C THR A 61 -21.81 6.06 -20.50
N TYR A 62 -20.81 6.58 -21.21
CA TYR A 62 -20.37 5.88 -22.43
C TYR A 62 -19.80 4.51 -22.10
N ALA A 63 -18.88 4.45 -21.14
CA ALA A 63 -18.32 3.16 -20.73
C ALA A 63 -19.42 2.19 -20.34
N ASP A 64 -20.48 2.70 -19.70
CA ASP A 64 -21.60 1.85 -19.28
C ASP A 64 -22.29 1.24 -20.49
N GLN A 65 -22.64 2.07 -21.49
CA GLN A 65 -23.26 1.53 -22.70
C GLN A 65 -22.41 0.43 -23.31
N CYS A 66 -21.12 0.72 -23.52
CA CYS A 66 -20.23 -0.28 -24.10
C CYS A 66 -20.24 -1.58 -23.29
N LEU A 67 -19.97 -1.48 -21.98
CA LEU A 67 -19.86 -2.69 -21.17
C LEU A 67 -21.16 -3.46 -21.09
N GLN A 68 -22.30 -2.76 -21.16
CA GLN A 68 -23.57 -3.47 -21.27
C GLN A 68 -23.60 -4.33 -22.53
N LEU A 69 -23.05 -3.80 -23.64
CA LEU A 69 -23.15 -4.53 -24.90
C LEU A 69 -22.33 -5.82 -24.94
N VAL A 70 -21.29 -5.96 -24.13
CA VAL A 70 -20.32 -7.03 -24.35
C VAL A 70 -20.79 -8.34 -23.74
N GLN A 71 -20.71 -9.41 -24.53
CA GLN A 71 -20.83 -10.78 -24.06
C GLN A 71 -19.73 -11.60 -24.73
N LEU A 72 -18.87 -12.21 -23.91
CA LEU A 72 -17.76 -13.04 -24.36
C LEU A 72 -17.84 -14.42 -23.74
N ASP A 73 -17.07 -15.34 -24.31
CA ASP A 73 -16.88 -16.67 -23.73
C ASP A 73 -15.60 -16.63 -22.92
N TRP A 74 -15.73 -16.75 -21.60
CA TRP A 74 -14.60 -16.63 -20.69
C TRP A 74 -13.92 -17.96 -20.43
N GLU A 75 -14.38 -19.04 -21.08
CA GLU A 75 -13.82 -20.35 -20.81
C GLU A 75 -12.35 -20.42 -21.18
N ASN A 76 -11.99 -19.88 -22.34
CA ASN A 76 -10.58 -19.88 -22.75
C ASN A 76 -9.70 -19.25 -21.68
N LEU A 77 -10.16 -18.16 -21.08
CA LEU A 77 -9.43 -17.52 -19.99
C LEU A 77 -9.35 -18.44 -18.78
N SER A 78 -10.47 -19.06 -18.42
CA SER A 78 -10.49 -19.99 -17.29
C SER A 78 -9.44 -21.08 -17.47
N ALA A 79 -9.36 -21.64 -18.68
CA ALA A 79 -8.34 -22.64 -18.97
C ALA A 79 -6.94 -22.05 -18.87
N ALA A 80 -6.75 -20.85 -19.44
CA ALA A 80 -5.44 -20.20 -19.38
C ALA A 80 -4.96 -20.03 -17.94
N ILE A 81 -5.90 -19.79 -17.02
CA ILE A 81 -5.55 -19.70 -15.61
C ILE A 81 -5.29 -21.09 -15.02
N ASP A 82 -6.22 -22.02 -15.24
CA ASP A 82 -6.02 -23.37 -14.73
C ASP A 82 -4.72 -23.96 -15.28
N SER A 83 -4.52 -23.82 -16.59
CA SER A 83 -3.26 -24.25 -17.17
C SER A 83 -2.08 -23.42 -16.69
N TYR A 84 -2.33 -22.31 -16.00
CA TYR A 84 -1.18 -21.57 -15.49
C TYR A 84 -0.59 -22.35 -14.33
N ARG A 85 -1.20 -22.40 -13.16
CA ARG A 85 -0.75 -23.46 -12.28
C ARG A 85 -1.82 -24.47 -11.96
N LYS A 86 -1.82 -25.54 -12.74
CA LYS A 86 -1.70 -26.88 -12.21
C LYS A 86 -0.19 -27.10 -12.22
N GLU A 87 0.42 -26.63 -13.30
CA GLU A 87 1.88 -26.61 -13.48
C GLU A 87 2.26 -25.34 -14.21
N LYS A 88 3.17 -24.54 -13.67
CA LYS A 88 3.49 -23.25 -14.28
C LYS A 88 4.97 -23.11 -14.57
N THR A 89 5.25 -22.60 -15.77
CA THR A 89 6.58 -22.40 -16.30
C THR A 89 6.56 -21.06 -17.04
N GLU A 90 7.68 -20.71 -17.67
CA GLU A 90 7.66 -19.51 -18.50
C GLU A 90 6.68 -19.67 -19.66
N GLU A 91 6.49 -20.91 -20.14
CA GLU A 91 5.56 -21.13 -21.24
C GLU A 91 4.13 -20.82 -20.82
N THR A 92 3.64 -21.46 -19.75
CA THR A 92 2.28 -21.21 -19.30
C THR A 92 2.10 -19.75 -18.88
N ARG A 93 3.11 -19.19 -18.21
CA ARG A 93 3.03 -17.78 -17.83
C ARG A 93 2.83 -16.89 -19.05
N ASN A 94 3.72 -17.00 -20.04
CA ASN A 94 3.57 -16.20 -21.25
C ASN A 94 2.20 -16.43 -21.88
N ALA A 95 1.85 -17.70 -22.15
CA ALA A 95 0.57 -18.00 -22.79
C ALA A 95 -0.59 -17.32 -22.06
N LEU A 96 -0.55 -17.32 -20.72
CA LEU A 96 -1.62 -16.67 -19.97
C LEU A 96 -1.56 -15.15 -20.11
N ILE A 97 -0.36 -14.58 -20.15
CA ILE A 97 -0.23 -13.14 -20.37
C ILE A 97 -0.83 -12.75 -21.72
N GLU A 98 -0.59 -13.58 -22.73
CA GLU A 98 -1.08 -13.27 -24.08
C GLU A 98 -2.58 -13.49 -24.20
N GLU A 99 -3.15 -14.46 -23.47
CA GLU A 99 -4.61 -14.58 -23.55
C GLU A 99 -5.30 -13.50 -22.72
N GLN A 100 -4.72 -13.13 -21.57
CA GLN A 100 -5.14 -11.91 -20.89
C GLN A 100 -5.18 -10.76 -21.88
N ALA A 101 -4.08 -10.59 -22.63
CA ALA A 101 -4.03 -9.58 -23.68
C ALA A 101 -5.24 -9.70 -24.61
N THR A 102 -5.52 -10.93 -25.08
CA THR A 102 -6.61 -11.12 -26.03
C THR A 102 -7.94 -10.62 -25.47
N TYR A 103 -8.28 -11.01 -24.23
CA TYR A 103 -9.56 -10.61 -23.66
C TYR A 103 -9.62 -9.09 -23.45
N ARG A 104 -8.57 -8.52 -22.86
CA ARG A 104 -8.46 -7.06 -22.75
C ARG A 104 -8.78 -6.40 -24.08
N ASN A 105 -7.98 -6.73 -25.10
CA ASN A 105 -8.14 -6.16 -26.43
C ASN A 105 -9.55 -6.37 -26.97
N ALA A 106 -10.25 -7.42 -26.54
CA ALA A 106 -11.64 -7.60 -26.95
C ALA A 106 -12.55 -6.54 -26.35
N ILE A 107 -12.43 -6.32 -25.04
CA ILE A 107 -13.20 -5.26 -24.39
C ILE A 107 -12.88 -3.91 -25.06
N HIS A 108 -11.59 -3.58 -25.16
CA HIS A 108 -11.20 -2.32 -25.79
C HIS A 108 -11.73 -2.23 -27.21
N ASP A 109 -11.80 -3.36 -27.92
CA ASP A 109 -12.48 -3.39 -29.21
C ASP A 109 -13.90 -2.87 -29.08
N TYR A 110 -14.64 -3.35 -28.08
CA TYR A 110 -15.98 -2.80 -27.85
C TYR A 110 -15.95 -1.29 -27.64
N PHE A 111 -14.93 -0.79 -26.92
CA PHE A 111 -14.86 0.65 -26.65
C PHE A 111 -14.66 1.44 -27.94
N ILE A 112 -13.65 1.10 -28.73
CA ILE A 112 -13.33 1.90 -29.91
C ILE A 112 -14.15 1.52 -31.14
N GLY A 113 -14.92 0.43 -31.07
CA GLY A 113 -15.85 0.12 -32.13
C GLY A 113 -15.28 -0.56 -33.35
N ARG A 114 -14.15 -1.25 -33.23
CA ARG A 114 -13.73 -2.19 -34.26
C ARG A 114 -14.01 -3.65 -33.90
N THR A 115 -14.70 -3.91 -32.80
CA THR A 115 -15.06 -5.28 -32.45
C THR A 115 -15.91 -5.94 -33.54
N ASP A 116 -15.67 -7.23 -33.74
CA ASP A 116 -16.42 -7.98 -34.74
C ASP A 116 -17.88 -8.16 -34.38
N ASN A 117 -18.24 -7.93 -33.12
CA ASN A 117 -19.43 -8.54 -32.56
C ASN A 117 -20.69 -7.78 -32.94
N LEU A 118 -20.82 -6.54 -32.46
CA LEU A 118 -21.97 -5.72 -32.80
C LEU A 118 -21.84 -5.20 -34.23
N THR A 119 -22.97 -4.76 -34.79
CA THR A 119 -23.03 -4.38 -36.19
C THR A 119 -22.16 -3.15 -36.47
N ASP A 120 -21.78 -3.01 -37.74
CA ASP A 120 -20.79 -2.00 -38.12
C ASP A 120 -21.33 -0.59 -38.03
N ALA A 121 -22.65 -0.40 -38.10
CA ALA A 121 -23.21 0.94 -37.94
C ALA A 121 -22.95 1.47 -36.53
N ILE A 122 -23.39 0.70 -35.52
CA ILE A 122 -23.13 1.05 -34.12
C ILE A 122 -21.63 1.13 -33.87
N ASN A 123 -20.85 0.26 -34.54
CA ASN A 123 -19.39 0.36 -34.49
C ASN A 123 -18.93 1.76 -34.86
N LYS A 124 -19.37 2.26 -36.02
CA LYS A 124 -19.02 3.61 -36.44
C LYS A 124 -19.43 4.65 -35.41
N ARG A 125 -20.63 4.50 -34.85
CA ARG A 125 -21.08 5.40 -33.79
C ARG A 125 -20.05 5.46 -32.67
N HIS A 126 -19.69 4.29 -32.12
CA HIS A 126 -18.76 4.26 -30.99
C HIS A 126 -17.41 4.87 -31.35
N ALA A 127 -16.91 4.59 -32.55
CA ALA A 127 -15.61 5.15 -32.95
C ALA A 127 -15.64 6.67 -32.97
N GLU A 128 -16.63 7.24 -33.67
CA GLU A 128 -16.84 8.69 -33.67
C GLU A 128 -16.87 9.22 -32.24
N ILE A 129 -17.63 8.56 -31.37
CA ILE A 129 -17.76 9.00 -29.98
C ILE A 129 -16.39 9.06 -29.30
N TYR A 130 -15.61 7.98 -29.38
CA TYR A 130 -14.29 7.91 -28.76
C TYR A 130 -13.39 9.06 -29.22
N LYS A 131 -13.21 9.15 -30.55
CA LYS A 131 -12.38 10.21 -31.13
C LYS A 131 -12.78 11.57 -30.61
N GLY A 132 -14.09 11.80 -30.43
CA GLY A 132 -14.52 13.00 -29.74
C GLY A 132 -14.17 13.01 -28.26
N LEU A 133 -14.12 11.82 -27.64
CA LEU A 133 -14.00 11.71 -26.18
C LEU A 133 -12.66 12.13 -25.64
N PHE A 134 -11.61 12.21 -26.43
CA PHE A 134 -10.36 12.59 -25.76
C PHE A 134 -9.87 14.04 -25.90
N LYS A 135 -10.61 14.96 -26.53
CA LYS A 135 -10.07 16.31 -26.72
C LYS A 135 -11.17 17.34 -26.43
N ALA A 136 -10.90 18.62 -26.71
CA ALA A 136 -11.81 19.69 -26.29
C ALA A 136 -13.21 19.52 -26.85
N GLU A 137 -13.39 18.59 -27.77
CA GLU A 137 -14.71 18.26 -28.29
C GLU A 137 -15.72 18.01 -27.17
N LEU A 138 -15.30 17.35 -26.09
CA LEU A 138 -16.22 17.10 -24.97
C LEU A 138 -16.96 18.36 -24.55
N PHE A 139 -16.28 19.49 -24.56
CA PHE A 139 -16.88 20.70 -24.02
C PHE A 139 -17.88 21.34 -24.98
N ASN A 140 -17.73 21.09 -26.28
CA ASN A 140 -18.70 21.66 -27.22
C ASN A 140 -20.11 21.15 -26.96
N GLY A 141 -20.24 19.95 -26.40
CA GLY A 141 -21.53 19.36 -26.14
C GLY A 141 -22.07 18.50 -27.26
N LYS A 142 -21.47 18.56 -28.46
CA LYS A 142 -21.88 17.66 -29.53
C LYS A 142 -21.71 16.21 -29.12
N VAL A 143 -20.64 15.89 -28.37
CA VAL A 143 -20.46 14.52 -27.91
C VAL A 143 -21.57 14.14 -26.93
N LEU A 144 -21.98 15.07 -26.07
CA LEU A 144 -23.06 14.76 -25.15
C LEU A 144 -24.36 14.49 -25.90
N LYS A 145 -24.50 15.04 -27.11
CA LYS A 145 -25.77 14.95 -27.83
C LYS A 145 -26.16 13.50 -28.12
N GLN A 146 -25.20 12.68 -28.55
CA GLN A 146 -25.52 11.27 -28.84
C GLN A 146 -26.09 10.59 -27.60
N LEU A 147 -25.37 10.65 -26.48
CA LEU A 147 -25.77 9.89 -25.30
C LEU A 147 -27.14 10.31 -24.81
N GLY A 148 -27.83 9.37 -24.17
CA GLY A 148 -29.07 9.68 -23.50
C GLY A 148 -28.88 10.49 -22.22
N THR A 152 -27.85 18.19 -18.53
CA THR A 152 -27.04 19.39 -18.77
C THR A 152 -27.75 20.61 -18.21
N THR A 153 -27.89 20.72 -16.89
CA THR A 153 -28.66 21.85 -16.41
C THR A 153 -27.92 23.16 -16.63
N GLU A 154 -28.67 24.26 -16.55
CA GLU A 154 -28.18 25.59 -16.92
C GLU A 154 -26.92 25.98 -16.17
N HIS A 155 -26.68 25.36 -15.00
CA HIS A 155 -25.46 25.59 -14.24
C HIS A 155 -24.23 25.01 -14.95
N GLU A 156 -24.26 23.70 -15.27
CA GLU A 156 -23.10 23.04 -15.88
C GLU A 156 -22.63 23.72 -17.16
N ASN A 157 -23.51 24.01 -18.12
CA ASN A 157 -22.97 24.61 -19.34
C ASN A 157 -22.31 25.95 -19.07
N ALA A 158 -22.84 26.71 -18.11
CA ALA A 158 -22.17 27.93 -17.68
C ALA A 158 -20.75 27.64 -17.21
N LEU A 159 -20.57 26.57 -16.42
CA LEU A 159 -19.21 26.16 -16.10
C LEU A 159 -18.45 25.69 -17.33
N LEU A 160 -19.16 25.14 -18.32
CA LEU A 160 -18.51 24.52 -19.47
C LEU A 160 -17.79 25.57 -20.30
N ARG A 161 -18.49 26.64 -20.66
CA ARG A 161 -17.79 27.72 -21.34
C ARG A 161 -17.17 28.72 -20.37
N SER A 162 -17.24 28.47 -19.06
CA SER A 162 -16.28 29.10 -18.16
C SER A 162 -14.86 28.65 -18.50
N PHE A 163 -14.67 27.38 -18.80
CA PHE A 163 -13.37 26.87 -19.19
C PHE A 163 -13.16 26.85 -20.70
N ASP A 164 -14.17 27.23 -21.49
CA ASP A 164 -13.96 27.31 -22.92
C ASP A 164 -12.85 28.31 -23.20
N LYS A 165 -12.17 28.09 -24.33
CA LYS A 165 -11.04 28.90 -24.75
C LYS A 165 -9.85 28.72 -23.80
N PHE A 166 -10.05 28.04 -22.67
CA PHE A 166 -8.95 27.63 -21.78
C PHE A 166 -8.69 26.12 -21.69
N THR A 167 -9.38 25.28 -22.47
CA THR A 167 -9.50 23.86 -22.11
C THR A 167 -8.17 23.13 -21.87
N THR A 168 -7.04 23.68 -22.31
CA THR A 168 -5.77 22.96 -22.25
C THR A 168 -5.35 22.60 -20.82
N TYR A 169 -5.97 23.23 -19.80
CA TYR A 169 -5.90 22.79 -18.41
C TYR A 169 -6.13 21.27 -18.37
N PHE A 170 -7.36 20.90 -18.73
CA PHE A 170 -7.79 19.51 -18.78
C PHE A 170 -6.92 18.65 -19.68
N SER A 171 -6.00 19.27 -20.44
CA SER A 171 -5.04 18.48 -21.20
C SER A 171 -4.48 17.37 -20.32
N GLY A 172 -3.99 17.73 -19.12
CA GLY A 172 -3.51 16.69 -18.22
C GLY A 172 -4.57 15.65 -17.98
N PHE A 173 -5.76 16.09 -17.58
CA PHE A 173 -6.89 15.21 -17.33
C PHE A 173 -7.11 14.23 -18.46
N TYR A 174 -7.01 14.68 -19.72
CA TYR A 174 -7.29 13.78 -20.83
C TYR A 174 -6.51 12.49 -20.70
N GLU A 175 -5.20 12.61 -20.44
CA GLU A 175 -4.35 11.43 -20.35
C GLU A 175 -4.90 10.46 -19.33
N ASN A 176 -5.27 10.96 -18.15
CA ASN A 176 -5.82 10.09 -17.11
C ASN A 176 -7.01 9.32 -17.63
N ARG A 177 -7.91 9.99 -18.36
CA ARG A 177 -9.08 9.29 -18.88
C ARG A 177 -8.69 8.25 -19.91
N LYS A 178 -7.68 8.55 -20.75
CA LYS A 178 -7.18 7.51 -21.65
C LYS A 178 -6.64 6.33 -20.84
N ASN A 179 -5.99 6.62 -19.71
CA ASN A 179 -5.50 5.57 -18.83
C ASN A 179 -6.62 4.70 -18.30
N VAL A 180 -7.87 5.18 -18.34
CA VAL A 180 -9.00 4.36 -17.94
C VAL A 180 -9.40 3.42 -19.05
N PHE A 181 -9.37 3.89 -20.30
CA PHE A 181 -9.91 3.13 -21.42
C PHE A 181 -8.87 2.29 -22.13
N SER A 182 -7.60 2.37 -21.74
CA SER A 182 -6.54 1.73 -22.50
C SER A 182 -6.71 0.21 -22.49
N ALA A 183 -6.23 -0.40 -23.58
CA ALA A 183 -6.16 -1.85 -23.70
C ALA A 183 -4.88 -2.43 -23.09
N GLU A 184 -3.87 -1.60 -22.84
CA GLU A 184 -2.67 -2.07 -22.19
C GLU A 184 -3.03 -2.62 -20.80
N ASP A 185 -2.18 -3.48 -20.27
CA ASP A 185 -2.47 -3.97 -18.93
C ASP A 185 -1.81 -2.97 -17.98
N ILE A 186 -2.66 -2.14 -17.40
CA ILE A 186 -2.28 -1.09 -16.48
C ILE A 186 -3.40 -1.01 -15.46
N SER A 187 -3.05 -1.01 -14.17
CA SER A 187 -4.04 -1.21 -13.12
C SER A 187 -5.24 -0.30 -13.27
N THR A 188 -5.03 0.89 -13.82
CA THR A 188 -6.05 1.94 -13.88
C THR A 188 -6.99 1.82 -15.07
N ALA A 189 -6.87 0.77 -15.88
CA ALA A 189 -7.70 0.62 -17.06
C ALA A 189 -8.89 -0.29 -16.77
N ILE A 190 -10.05 0.06 -17.35
CA ILE A 190 -11.24 -0.80 -17.22
C ILE A 190 -11.00 -2.21 -17.75
N PRO A 191 -10.50 -2.41 -18.99
CA PRO A 191 -10.29 -3.79 -19.46
C PRO A 191 -9.42 -4.60 -18.51
N HIS A 192 -8.35 -4.01 -18.00
CA HIS A 192 -7.57 -4.68 -16.96
C HIS A 192 -8.45 -5.08 -15.79
N ARG A 193 -9.16 -4.12 -15.22
CA ARG A 193 -9.96 -4.40 -14.02
C ARG A 193 -10.91 -5.57 -14.28
N ILE A 194 -11.46 -5.67 -15.48
CA ILE A 194 -12.41 -6.74 -15.78
C ILE A 194 -11.70 -8.07 -15.96
N VAL A 195 -10.61 -8.09 -16.73
CA VAL A 195 -9.91 -9.33 -17.05
C VAL A 195 -9.08 -9.83 -15.88
N GLN A 196 -8.06 -9.06 -15.48
CA GLN A 196 -7.08 -9.52 -14.49
C GLN A 196 -7.56 -9.37 -13.05
N ASP A 197 -8.44 -8.41 -12.75
CA ASP A 197 -8.90 -8.24 -11.37
C ASP A 197 -10.17 -9.05 -11.10
N ASN A 198 -11.31 -8.59 -11.63
CA ASN A 198 -12.59 -9.15 -11.21
C ASN A 198 -12.76 -10.61 -11.62
N PHE A 199 -12.55 -10.93 -12.91
CA PHE A 199 -12.88 -12.27 -13.38
C PHE A 199 -12.17 -13.38 -12.63
N PRO A 200 -10.88 -13.28 -12.27
CA PRO A 200 -10.29 -14.36 -11.45
C PRO A 200 -11.00 -14.53 -10.11
N LYS A 201 -11.38 -13.43 -9.46
CA LYS A 201 -12.14 -13.55 -8.22
C LYS A 201 -13.47 -14.24 -8.47
N PHE A 202 -14.16 -13.86 -9.55
CA PHE A 202 -15.39 -14.54 -9.94
C PHE A 202 -15.15 -16.04 -10.10
N LYS A 203 -14.18 -16.40 -10.93
CA LYS A 203 -13.91 -17.81 -11.21
C LYS A 203 -13.61 -18.58 -9.92
N GLU A 204 -12.74 -18.03 -9.08
CA GLU A 204 -12.52 -18.67 -7.78
C GLU A 204 -13.82 -18.81 -7.01
N ASN A 205 -14.70 -17.81 -7.10
CA ASN A 205 -15.98 -17.91 -6.40
C ASN A 205 -16.77 -19.10 -6.92
N CYS A 206 -16.81 -19.27 -8.24
CA CYS A 206 -17.46 -20.46 -8.80
C CYS A 206 -16.82 -21.72 -8.25
N HIS A 207 -15.49 -21.73 -8.11
CA HIS A 207 -14.82 -22.89 -7.54
C HIS A 207 -15.34 -23.18 -6.15
N ILE A 208 -15.24 -22.18 -5.26
CA ILE A 208 -15.70 -22.33 -3.88
C ILE A 208 -17.12 -22.89 -3.84
N PHE A 209 -18.00 -22.30 -4.66
CA PHE A 209 -19.37 -22.79 -4.75
C PHE A 209 -19.41 -24.28 -5.11
N THR A 210 -18.69 -24.67 -6.16
CA THR A 210 -18.79 -26.03 -6.67
C THR A 210 -18.25 -27.05 -5.66
N ARG A 211 -17.06 -26.79 -5.11
CA ARG A 211 -16.52 -27.68 -4.08
C ARG A 211 -17.48 -27.80 -2.90
N LEU A 212 -17.97 -26.66 -2.41
CA LEU A 212 -18.92 -26.68 -1.30
C LEU A 212 -20.13 -27.53 -1.62
N ILE A 213 -20.61 -27.49 -2.87
CA ILE A 213 -21.81 -28.21 -3.22
C ILE A 213 -21.53 -29.70 -3.31
N THR A 214 -20.46 -30.08 -4.01
CA THR A 214 -20.12 -31.50 -4.12
C THR A 214 -19.88 -32.11 -2.75
N ALA A 215 -19.45 -31.30 -1.78
CA ALA A 215 -19.38 -31.76 -0.39
C ALA A 215 -20.74 -31.69 0.30
N VAL A 216 -21.44 -30.57 0.17
CA VAL A 216 -22.66 -30.30 0.93
C VAL A 216 -23.76 -29.77 0.02
N PRO A 217 -24.61 -30.63 -0.55
CA PRO A 217 -25.65 -30.12 -1.47
C PRO A 217 -26.74 -29.33 -0.77
N SER A 218 -27.01 -29.61 0.52
CA SER A 218 -27.98 -28.83 1.27
C SER A 218 -27.70 -27.34 1.13
N LEU A 219 -26.43 -26.98 1.30
CA LEU A 219 -25.94 -25.62 1.14
C LEU A 219 -26.46 -24.98 -0.14
N ARG A 220 -26.46 -25.71 -1.27
CA ARG A 220 -26.97 -25.17 -2.52
C ARG A 220 -28.35 -24.55 -2.32
N GLU A 221 -29.29 -25.33 -1.78
CA GLU A 221 -30.63 -24.80 -1.56
C GLU A 221 -30.57 -23.57 -0.67
N HIS A 222 -29.83 -23.64 0.44
CA HIS A 222 -29.69 -22.48 1.29
C HIS A 222 -29.26 -21.27 0.47
N PHE A 223 -28.21 -21.45 -0.33
CA PHE A 223 -27.75 -20.33 -1.15
C PHE A 223 -28.90 -19.75 -1.96
N GLU A 224 -29.66 -20.63 -2.64
CA GLU A 224 -30.77 -20.18 -3.45
C GLU A 224 -31.66 -19.24 -2.65
N ASN A 225 -32.16 -19.68 -1.48
CA ASN A 225 -33.15 -18.82 -0.86
C ASN A 225 -32.53 -17.64 -0.15
N VAL A 226 -31.24 -17.72 0.21
CA VAL A 226 -30.54 -16.50 0.63
C VAL A 226 -30.64 -15.46 -0.47
N LYS A 227 -30.35 -15.87 -1.71
CA LYS A 227 -30.51 -14.97 -2.84
C LYS A 227 -31.96 -14.52 -2.95
N LYS A 228 -32.91 -15.43 -2.70
CA LYS A 228 -34.31 -15.03 -2.71
C LYS A 228 -34.57 -13.95 -1.68
N ALA A 229 -33.96 -14.08 -0.50
CA ALA A 229 -34.26 -13.16 0.59
C ALA A 229 -33.66 -11.78 0.32
N ILE A 230 -32.42 -11.72 -0.16
CA ILE A 230 -31.82 -10.44 -0.52
C ILE A 230 -32.52 -9.78 -1.71
N GLY A 231 -33.38 -10.52 -2.42
CA GLY A 231 -34.10 -9.98 -3.56
C GLY A 231 -33.26 -9.71 -4.80
N ILE A 232 -31.97 -10.02 -4.76
CA ILE A 232 -31.08 -9.82 -5.89
C ILE A 232 -31.22 -10.99 -6.85
N PHE A 233 -31.03 -10.72 -8.14
CA PHE A 233 -30.80 -11.77 -9.14
C PHE A 233 -31.91 -12.82 -9.12
N VAL A 234 -33.14 -12.34 -9.07
CA VAL A 234 -34.29 -13.23 -8.90
C VAL A 234 -34.46 -14.13 -10.11
N SER A 235 -34.28 -13.58 -11.30
CA SER A 235 -34.48 -14.35 -12.53
C SER A 235 -33.45 -15.45 -12.74
N THR A 236 -32.39 -15.49 -11.96
CA THR A 236 -31.23 -16.33 -12.24
C THR A 236 -31.03 -17.34 -11.13
N SER A 237 -30.78 -18.59 -11.52
CA SER A 237 -30.48 -19.64 -10.56
C SER A 237 -29.17 -19.37 -9.84
N ILE A 238 -29.05 -19.87 -8.61
CA ILE A 238 -27.81 -19.71 -7.87
C ILE A 238 -26.66 -20.38 -8.60
N GLU A 239 -26.93 -21.55 -9.20
CA GLU A 239 -25.90 -22.25 -9.96
C GLU A 239 -25.48 -21.47 -11.19
N GLU A 240 -26.36 -20.61 -11.71
CA GLU A 240 -26.02 -19.81 -12.88
C GLU A 240 -25.21 -18.57 -12.51
N VAL A 241 -25.48 -17.95 -11.35
CA VAL A 241 -24.72 -16.77 -10.97
C VAL A 241 -23.25 -17.12 -10.75
N PHE A 242 -22.95 -18.41 -10.58
CA PHE A 242 -21.57 -18.89 -10.56
C PHE A 242 -21.12 -19.46 -11.89
N SER A 243 -21.95 -19.41 -12.94
CA SER A 243 -21.47 -19.65 -14.29
C SER A 243 -20.83 -18.39 -14.86
N PHE A 244 -19.89 -18.61 -15.80
CA PHE A 244 -19.06 -17.55 -16.38
C PHE A 244 -19.85 -16.55 -17.24
N PRO A 245 -20.79 -16.98 -18.08
CA PRO A 245 -21.64 -16.01 -18.79
C PRO A 245 -22.31 -15.00 -17.87
N PHE A 246 -22.62 -15.41 -16.64
CA PHE A 246 -23.09 -14.42 -15.69
C PHE A 246 -22.01 -13.36 -15.47
N TYR A 247 -20.74 -13.78 -15.42
CA TYR A 247 -19.68 -12.79 -15.32
C TYR A 247 -19.68 -11.87 -16.52
N ASN A 248 -20.19 -12.33 -17.67
CA ASN A 248 -20.57 -11.34 -18.67
C ASN A 248 -21.54 -10.33 -18.07
N GLN A 249 -22.55 -10.80 -17.34
CA GLN A 249 -23.47 -9.81 -16.76
C GLN A 249 -22.85 -8.95 -15.67
N LEU A 250 -21.64 -9.24 -15.21
CA LEU A 250 -21.07 -8.59 -14.03
C LEU A 250 -20.18 -7.37 -14.33
N LEU A 251 -20.16 -6.86 -15.56
CA LEU A 251 -19.18 -5.83 -15.92
C LEU A 251 -19.55 -4.43 -15.40
N THR A 252 -20.83 -4.07 -15.37
CA THR A 252 -21.23 -2.76 -14.87
C THR A 252 -21.09 -2.69 -13.35
N GLN A 253 -20.85 -1.47 -12.84
CA GLN A 253 -20.72 -1.30 -11.40
C GLN A 253 -21.99 -1.69 -10.67
N THR A 254 -23.16 -1.23 -11.15
CA THR A 254 -24.40 -1.59 -10.49
C THR A 254 -24.49 -3.10 -10.28
N GLN A 255 -24.05 -3.87 -11.28
CA GLN A 255 -24.07 -5.32 -11.16
C GLN A 255 -23.00 -5.81 -10.17
N ILE A 256 -21.78 -5.26 -10.27
CA ILE A 256 -20.74 -5.61 -9.32
C ILE A 256 -21.23 -5.42 -7.90
N ASP A 257 -21.89 -4.29 -7.66
CA ASP A 257 -22.55 -3.97 -6.40
C ASP A 257 -23.48 -5.11 -6.02
N LEU A 258 -24.53 -5.34 -6.82
CA LEU A 258 -25.52 -6.36 -6.50
C LEU A 258 -24.87 -7.69 -6.14
N TYR A 259 -23.90 -8.13 -6.93
CA TYR A 259 -23.10 -9.31 -6.62
C TYR A 259 -22.51 -9.23 -5.22
N ASN A 260 -21.61 -8.26 -5.02
CA ASN A 260 -20.94 -8.07 -3.73
C ASN A 260 -21.92 -7.96 -2.58
N GLN A 261 -23.18 -7.58 -2.84
CA GLN A 261 -24.20 -7.59 -1.81
C GLN A 261 -24.73 -8.99 -1.55
N LEU A 262 -24.97 -9.78 -2.61
CA LEU A 262 -25.36 -11.16 -2.40
C LEU A 262 -24.31 -11.91 -1.60
N LEU A 263 -23.04 -11.56 -1.77
CA LEU A 263 -22.02 -12.07 -0.84
C LEU A 263 -22.16 -11.43 0.54
N GLY A 264 -22.20 -10.09 0.58
CA GLY A 264 -22.15 -9.35 1.83
C GLY A 264 -23.43 -9.22 2.63
N GLY A 265 -24.54 -8.98 1.96
CA GLY A 265 -25.81 -8.78 2.63
C GLY A 265 -26.25 -7.33 2.64
N ILE A 266 -27.47 -7.12 3.13
CA ILE A 266 -28.09 -5.80 3.19
C ILE A 266 -28.31 -5.44 4.66
N SER A 267 -27.93 -4.22 5.04
CA SER A 267 -28.10 -3.73 6.40
C SER A 267 -28.84 -2.39 6.35
N ARG A 268 -30.09 -2.38 6.79
CA ARG A 268 -30.85 -1.14 6.90
C ARG A 268 -30.79 -0.64 8.34
N GLU A 269 -31.66 0.33 8.65
CA GLU A 269 -31.43 1.25 9.76
C GLU A 269 -31.02 0.53 11.04
N ALA A 270 -30.03 1.11 11.73
CA ALA A 270 -29.36 0.44 12.83
C ALA A 270 -30.33 0.01 13.91
N GLY A 271 -30.07 -1.16 14.49
CA GLY A 271 -30.93 -1.78 15.48
C GLY A 271 -31.88 -2.81 14.92
N THR A 272 -32.19 -2.73 13.64
CA THR A 272 -32.99 -3.77 12.97
C THR A 272 -32.11 -4.94 12.57
N GLU A 273 -32.73 -6.11 12.46
CA GLU A 273 -32.00 -7.32 12.09
C GLU A 273 -31.44 -7.20 10.67
N LYS A 274 -30.21 -7.66 10.51
CA LYS A 274 -29.51 -7.58 9.23
C LYS A 274 -29.83 -8.76 8.34
N ILE A 275 -29.88 -8.50 7.03
CA ILE A 275 -30.08 -9.56 6.04
C ILE A 275 -28.75 -10.23 5.75
N LYS A 276 -28.72 -11.56 5.81
CA LYS A 276 -27.48 -12.31 5.69
C LYS A 276 -27.11 -12.53 4.24
N GLY A 277 -25.83 -12.29 3.92
CA GLY A 277 -25.27 -12.72 2.65
C GLY A 277 -24.61 -14.07 2.75
N LEU A 278 -24.18 -14.58 1.60
CA LEU A 278 -23.68 -15.96 1.55
C LEU A 278 -22.51 -16.17 2.50
N ASN A 279 -21.54 -15.25 2.49
CA ASN A 279 -20.39 -15.38 3.38
C ASN A 279 -20.85 -15.50 4.84
N GLU A 280 -21.85 -14.72 5.22
CA GLU A 280 -22.37 -14.78 6.59
C GLU A 280 -22.97 -16.14 6.88
N VAL A 281 -23.90 -16.60 6.03
CA VAL A 281 -24.57 -17.88 6.25
C VAL A 281 -23.54 -19.00 6.38
N LEU A 282 -22.50 -18.94 5.55
CA LEU A 282 -21.40 -19.90 5.66
C LEU A 282 -20.73 -19.82 7.03
N ASN A 283 -20.47 -18.60 7.50
CA ASN A 283 -19.77 -18.44 8.77
C ASN A 283 -20.62 -18.97 9.94
N LEU A 284 -21.88 -18.53 10.02
CA LEU A 284 -22.80 -19.07 11.00
C LEU A 284 -22.83 -20.60 10.95
N ALA A 285 -22.89 -21.15 9.75
CA ALA A 285 -22.88 -22.60 9.60
C ALA A 285 -21.64 -23.21 10.22
N ILE A 286 -20.48 -22.57 10.04
CA ILE A 286 -19.25 -23.10 10.65
C ILE A 286 -19.33 -23.03 12.16
N GLN A 287 -19.82 -21.91 12.69
CA GLN A 287 -19.86 -21.75 14.15
C GLN A 287 -20.93 -22.62 14.80
N LYS A 288 -21.76 -23.31 14.00
CA LYS A 288 -22.69 -24.29 14.56
C LYS A 288 -21.96 -25.50 15.13
N ASN A 289 -20.68 -25.67 14.76
CA ASN A 289 -19.76 -26.69 15.26
C ASN A 289 -20.38 -28.08 15.36
N ASP A 290 -20.70 -28.66 14.21
CA ASP A 290 -21.08 -30.07 14.10
C ASP A 290 -20.24 -30.72 13.01
N GLU A 291 -20.58 -31.94 12.63
CA GLU A 291 -19.84 -32.62 11.57
C GLU A 291 -19.85 -31.80 10.28
N THR A 292 -21.04 -31.33 9.87
CA THR A 292 -21.16 -30.46 8.72
C THR A 292 -20.20 -29.28 8.80
N ALA A 293 -20.38 -28.45 9.84
CA ALA A 293 -19.49 -27.32 10.05
C ALA A 293 -18.03 -27.71 10.02
N HIS A 294 -17.68 -28.91 10.51
CA HIS A 294 -16.31 -29.39 10.35
C HIS A 294 -15.94 -29.48 8.88
N ILE A 295 -16.83 -30.05 8.06
CA ILE A 295 -16.57 -30.20 6.63
C ILE A 295 -16.38 -28.85 5.98
N ILE A 296 -17.38 -27.98 6.09
CA ILE A 296 -17.26 -26.64 5.51
C ILE A 296 -15.95 -26.01 5.97
N ALA A 297 -15.67 -26.10 7.28
CA ALA A 297 -14.42 -25.63 7.84
C ALA A 297 -13.21 -26.12 7.04
N SER A 298 -13.25 -27.37 6.57
CA SER A 298 -12.12 -27.88 5.80
C SER A 298 -12.03 -27.21 4.43
N LEU A 299 -13.16 -26.87 3.83
CA LEU A 299 -13.21 -26.27 2.51
C LEU A 299 -12.99 -24.77 2.60
N PRO A 300 -12.78 -24.09 1.47
CA PRO A 300 -12.85 -22.61 1.46
C PRO A 300 -14.25 -22.10 1.79
N HIS A 301 -14.34 -21.21 2.79
CA HIS A 301 -15.65 -20.76 3.28
C HIS A 301 -16.11 -19.42 2.73
N ARG A 302 -15.25 -18.62 2.13
CA ARG A 302 -15.57 -17.21 2.02
C ARG A 302 -15.45 -16.75 0.58
N PHE A 303 -16.57 -16.35 -0.01
CA PHE A 303 -16.60 -15.87 -1.37
C PHE A 303 -15.92 -14.51 -1.44
N ILE A 304 -15.24 -14.25 -2.55
CA ILE A 304 -14.45 -13.04 -2.73
C ILE A 304 -15.32 -12.00 -3.45
N PRO A 305 -15.53 -10.82 -2.89
CA PRO A 305 -16.28 -9.78 -3.61
C PRO A 305 -15.41 -9.13 -4.67
N LEU A 306 -16.07 -8.70 -5.74
CA LEU A 306 -15.37 -8.14 -6.88
C LEU A 306 -14.93 -6.71 -6.58
N PHE A 307 -13.86 -6.28 -7.26
CA PHE A 307 -13.42 -4.90 -7.15
C PHE A 307 -14.37 -3.95 -7.85
N LYS A 308 -14.36 -2.71 -7.38
CA LYS A 308 -15.12 -1.64 -7.99
C LYS A 308 -14.74 -1.48 -9.46
N GLN A 309 -15.75 -1.21 -10.29
CA GLN A 309 -15.48 -0.82 -11.66
C GLN A 309 -14.93 0.60 -11.68
N ILE A 310 -13.95 0.84 -12.56
CA ILE A 310 -13.29 2.13 -12.61
C ILE A 310 -14.30 3.24 -12.89
N LEU A 311 -14.13 4.36 -12.19
CA LEU A 311 -14.70 5.68 -12.47
C LEU A 311 -16.11 5.88 -11.91
N SER A 312 -16.77 4.85 -11.40
CA SER A 312 -18.21 4.95 -11.13
C SER A 312 -18.51 4.81 -9.65
N ASP A 313 -19.43 5.63 -9.16
CA ASP A 313 -19.79 5.63 -7.75
C ASP A 313 -20.47 4.32 -7.37
N ARG A 314 -20.15 3.83 -6.18
CA ARG A 314 -20.78 2.61 -5.67
C ARG A 314 -22.23 2.89 -5.27
N ASN A 315 -23.02 1.81 -5.25
CA ASN A 315 -24.41 1.87 -4.86
C ASN A 315 -24.66 0.84 -3.77
N THR A 316 -25.73 1.04 -3.00
CA THR A 316 -26.08 0.09 -1.95
C THR A 316 -27.58 0.03 -1.77
N LEU A 317 -28.07 -1.18 -1.50
CA LEU A 317 -29.44 -1.40 -1.05
C LEU A 317 -29.57 -1.22 0.46
N SER A 318 -28.48 -0.90 1.15
CA SER A 318 -28.48 -0.71 2.58
C SER A 318 -28.76 0.75 2.92
N PHE A 319 -28.83 1.05 4.21
CA PHE A 319 -29.25 2.36 4.68
C PHE A 319 -28.05 3.25 4.98
N ILE A 320 -28.17 4.51 4.58
CA ILE A 320 -27.15 5.53 4.80
C ILE A 320 -27.82 6.75 5.41
N LEU A 321 -27.24 7.26 6.49
CA LEU A 321 -27.85 8.36 7.23
C LEU A 321 -27.76 9.67 6.47
N GLU A 322 -28.66 10.60 6.81
CA GLU A 322 -28.57 11.95 6.30
C GLU A 322 -27.35 12.64 6.90
N GLU A 323 -26.57 13.29 6.04
CA GLU A 323 -25.35 13.94 6.51
C GLU A 323 -25.68 15.10 7.44
N PHE A 324 -24.74 15.40 8.33
CA PHE A 324 -24.80 16.62 9.14
C PHE A 324 -23.96 17.70 8.46
N LYS A 325 -24.58 18.87 8.27
CA LYS A 325 -23.95 19.94 7.51
C LYS A 325 -22.88 20.65 8.32
N SER A 326 -23.26 21.28 9.43
CA SER A 326 -22.30 22.05 10.20
C SER A 326 -22.75 22.09 11.66
N ASP A 327 -22.10 22.98 12.42
CA ASP A 327 -22.27 23.06 13.86
C ASP A 327 -23.73 23.32 14.24
N GLU A 328 -24.31 24.41 13.74
CA GLU A 328 -25.69 24.73 14.08
C GLU A 328 -26.66 23.61 13.74
N GLU A 329 -26.39 22.89 12.65
CA GLU A 329 -27.21 21.74 12.30
C GLU A 329 -27.22 20.70 13.42
N VAL A 330 -26.04 20.13 13.72
CA VAL A 330 -25.96 19.05 14.68
C VAL A 330 -26.44 19.49 16.05
N ILE A 331 -25.99 20.66 16.51
CA ILE A 331 -26.30 21.07 17.87
C ILE A 331 -27.76 21.51 17.98
N GLN A 332 -28.27 22.21 16.97
CA GLN A 332 -29.66 22.67 17.04
C GLN A 332 -30.63 21.49 16.97
N SER A 333 -30.38 20.56 16.05
CA SER A 333 -31.26 19.40 15.92
C SER A 333 -31.15 18.48 17.13
N PHE A 334 -29.94 18.27 17.64
CA PHE A 334 -29.77 17.49 18.86
C PHE A 334 -30.49 18.16 20.02
N CYS A 335 -30.19 19.43 20.27
CA CYS A 335 -30.81 20.15 21.38
C CYS A 335 -32.33 20.05 21.30
N LYS A 336 -32.88 20.30 20.12
CA LYS A 336 -34.32 20.10 19.93
C LYS A 336 -34.72 18.68 20.32
N TYR A 337 -33.90 17.69 19.98
CA TYR A 337 -34.21 16.31 20.31
C TYR A 337 -34.26 16.09 21.82
N LYS A 338 -33.23 16.56 22.54
CA LYS A 338 -33.18 16.31 23.97
C LYS A 338 -34.26 17.10 24.71
N THR A 339 -34.41 18.39 24.40
CA THR A 339 -35.50 19.15 25.02
C THR A 339 -36.86 18.51 24.72
N LEU A 340 -36.98 17.85 23.57
CA LEU A 340 -38.19 17.06 23.32
C LEU A 340 -38.25 15.84 24.25
N LEU A 341 -37.10 15.22 24.52
CA LEU A 341 -37.08 14.01 25.34
C LEU A 341 -37.33 14.32 26.80
N ARG A 342 -36.88 15.49 27.27
CA ARG A 342 -37.24 15.96 28.61
C ARG A 342 -38.66 16.49 28.63
N ASN A 343 -39.17 16.99 27.50
CA ASN A 343 -40.57 17.37 27.46
C ASN A 343 -41.46 16.15 27.63
N GLU A 344 -41.04 15.00 27.10
CA GLU A 344 -41.74 13.78 27.43
C GLU A 344 -41.45 13.29 28.84
N ASN A 345 -40.32 13.72 29.41
CA ASN A 345 -39.91 13.57 30.81
C ASN A 345 -40.25 12.20 31.37
N VAL A 346 -40.22 11.18 30.52
CA VAL A 346 -40.35 9.80 30.95
C VAL A 346 -38.97 9.15 31.13
N LEU A 347 -37.90 9.91 30.98
CA LEU A 347 -36.65 9.50 31.59
C LEU A 347 -36.88 9.23 33.08
N GLU A 348 -37.75 10.03 33.70
CA GLU A 348 -38.23 9.71 35.03
C GLU A 348 -38.91 8.34 35.06
N THR A 349 -39.74 8.03 34.04
CA THR A 349 -40.47 6.78 34.12
C THR A 349 -39.58 5.58 33.88
N ALA A 350 -38.35 5.77 33.41
CA ALA A 350 -37.43 4.63 33.35
C ALA A 350 -37.04 4.18 34.75
N GLU A 351 -36.61 5.13 35.59
CA GLU A 351 -36.42 4.85 37.00
C GLU A 351 -37.70 4.29 37.63
N ALA A 352 -38.84 4.90 37.31
CA ALA A 352 -40.12 4.37 37.78
C ALA A 352 -40.30 2.91 37.40
N LEU A 353 -39.80 2.52 36.23
CA LEU A 353 -39.88 1.13 35.78
C LEU A 353 -38.89 0.24 36.51
N PHE A 354 -37.76 0.78 36.95
CA PHE A 354 -36.80 -0.07 37.63
C PHE A 354 -37.18 -0.30 39.09
N ASN A 355 -37.58 0.76 39.80
CA ASN A 355 -38.25 0.56 41.07
C ASN A 355 -39.45 -0.35 40.90
N GLU A 356 -40.19 -0.17 39.81
CA GLU A 356 -41.35 -1.01 39.53
C GLU A 356 -40.95 -2.47 39.43
N LEU A 357 -39.84 -2.78 38.75
CA LEU A 357 -39.50 -4.18 38.57
C LEU A 357 -38.93 -4.78 39.84
N ASN A 358 -38.23 -4.00 40.66
CA ASN A 358 -37.88 -4.56 41.95
C ASN A 358 -39.08 -4.69 42.88
N SER A 359 -40.18 -3.99 42.60
CA SER A 359 -41.44 -4.23 43.30
C SER A 359 -42.25 -5.39 42.71
N ILE A 360 -42.43 -5.43 41.39
CA ILE A 360 -43.47 -6.23 40.74
C ILE A 360 -43.06 -7.70 40.78
N ASP A 361 -43.93 -8.60 40.29
CA ASP A 361 -43.55 -10.00 40.23
C ASP A 361 -42.42 -10.17 39.23
N LEU A 362 -41.36 -10.84 39.68
CA LEU A 362 -40.09 -10.90 38.97
C LEU A 362 -40.02 -11.96 37.90
N THR A 363 -40.82 -13.03 37.98
CA THR A 363 -40.76 -14.06 36.95
C THR A 363 -41.27 -13.59 35.60
N HIS A 364 -42.08 -12.54 35.56
CA HIS A 364 -42.59 -12.01 34.29
C HIS A 364 -41.64 -11.03 33.63
N ILE A 365 -40.48 -10.77 34.23
CA ILE A 365 -39.47 -9.91 33.64
C ILE A 365 -38.47 -10.82 32.93
N PHE A 366 -38.28 -10.63 31.63
CA PHE A 366 -37.51 -11.56 30.81
C PHE A 366 -36.38 -10.85 30.09
N ILE A 367 -35.28 -11.60 29.89
CA ILE A 367 -34.03 -11.07 29.39
C ILE A 367 -33.67 -11.79 28.11
N SER A 368 -33.29 -11.02 27.08
CA SER A 368 -32.92 -11.60 25.80
C SER A 368 -31.66 -12.46 25.93
N HIS A 369 -31.68 -13.63 25.30
CA HIS A 369 -30.54 -14.53 25.33
C HIS A 369 -29.32 -13.87 24.70
N LYS A 370 -29.53 -13.03 23.68
CA LYS A 370 -28.41 -12.36 23.03
C LYS A 370 -27.71 -11.41 23.98
N LYS A 371 -28.46 -10.74 24.85
CA LYS A 371 -27.90 -9.73 25.73
C LYS A 371 -27.33 -10.32 27.01
N LEU A 372 -27.64 -11.58 27.31
CA LEU A 372 -27.29 -12.15 28.61
C LEU A 372 -25.79 -12.09 28.91
N GLU A 373 -24.95 -12.38 27.92
CA GLU A 373 -23.52 -12.40 28.16
C GLU A 373 -23.02 -11.00 28.50
N THR A 374 -23.45 -10.00 27.74
CA THR A 374 -23.13 -8.61 28.06
C THR A 374 -23.60 -8.27 29.47
N ILE A 375 -24.79 -8.76 29.85
CA ILE A 375 -25.30 -8.56 31.20
C ILE A 375 -24.31 -9.10 32.22
N SER A 376 -23.86 -10.34 31.98
CA SER A 376 -22.98 -11.01 32.92
C SER A 376 -21.65 -10.29 33.07
N SER A 377 -21.15 -9.71 31.98
CA SER A 377 -19.90 -8.97 32.11
C SER A 377 -20.12 -7.66 32.85
N ALA A 378 -21.14 -6.89 32.46
CA ALA A 378 -21.44 -5.61 33.10
C ALA A 378 -21.74 -5.76 34.58
N LEU A 379 -22.87 -6.38 34.92
CA LEU A 379 -23.34 -6.40 36.31
C LEU A 379 -22.54 -7.36 37.18
N CYS A 380 -21.79 -8.28 36.59
CA CYS A 380 -21.24 -9.40 37.35
C CYS A 380 -19.76 -9.54 37.04
N ASP A 381 -19.16 -10.57 37.63
CA ASP A 381 -17.73 -10.85 37.52
C ASP A 381 -17.32 -11.01 36.06
N HIS A 382 -17.77 -12.09 35.41
CA HIS A 382 -17.51 -12.35 34.01
C HIS A 382 -18.79 -12.89 33.35
N TRP A 383 -18.77 -12.91 32.02
CA TRP A 383 -19.88 -13.48 31.24
C TRP A 383 -20.15 -14.93 31.63
N ASP A 384 -19.06 -15.71 31.70
CA ASP A 384 -19.14 -17.10 32.12
C ASP A 384 -19.98 -17.24 33.37
N THR A 385 -19.74 -16.41 34.38
CA THR A 385 -20.27 -16.65 35.72
C THR A 385 -21.79 -16.67 35.74
N LEU A 386 -22.44 -15.67 35.14
CA LEU A 386 -23.90 -15.72 35.06
C LEU A 386 -24.33 -16.92 34.21
N ARG A 387 -23.74 -17.08 33.02
CA ARG A 387 -24.34 -18.10 32.14
C ARG A 387 -24.27 -19.48 32.77
N ASN A 388 -23.14 -19.85 33.40
CA ASN A 388 -23.05 -21.20 33.93
C ASN A 388 -23.49 -21.31 35.38
N ALA A 389 -23.69 -20.19 36.08
CA ALA A 389 -24.50 -20.24 37.29
C ALA A 389 -25.90 -20.72 36.94
N LEU A 390 -26.50 -20.10 35.92
CA LEU A 390 -27.73 -20.63 35.33
C LEU A 390 -27.57 -22.11 35.00
N TYR A 391 -26.44 -22.46 34.35
CA TYR A 391 -26.22 -23.84 33.94
C TYR A 391 -26.35 -24.81 35.10
N GLU A 392 -25.56 -24.62 36.16
CA GLU A 392 -25.57 -25.62 37.22
C GLU A 392 -26.84 -25.58 38.07
N ARG A 393 -27.56 -24.45 38.11
CA ARG A 393 -28.87 -24.54 38.75
C ARG A 393 -29.85 -25.35 37.90
N ARG A 394 -29.86 -25.12 36.59
CA ARG A 394 -30.71 -25.92 35.70
C ARG A 394 -30.35 -27.39 35.75
N ILE A 395 -29.06 -27.71 35.93
CA ILE A 395 -28.64 -29.09 36.11
C ILE A 395 -29.18 -29.64 37.41
N SER A 396 -29.03 -28.88 38.50
CA SER A 396 -29.51 -29.32 39.81
C SER A 396 -30.98 -29.69 39.77
N GLU A 397 -31.74 -29.10 38.85
CA GLU A 397 -33.17 -29.34 38.71
C GLU A 397 -33.48 -30.47 37.74
N LEU A 398 -32.47 -31.20 37.25
CA LEU A 398 -32.73 -32.34 36.37
C LEU A 398 -33.15 -33.56 37.17
N THR A 399 -34.02 -34.36 36.56
CA THR A 399 -34.57 -35.53 37.22
C THR A 399 -33.66 -36.75 37.06
N GLY A 400 -33.61 -37.57 38.11
CA GLY A 400 -33.02 -38.89 38.02
C GLY A 400 -31.58 -38.89 37.53
N LYS A 401 -31.22 -39.93 36.79
CA LYS A 401 -29.87 -40.04 36.25
C LYS A 401 -29.63 -38.93 35.25
N ILE A 402 -28.37 -38.52 35.13
CA ILE A 402 -27.97 -37.40 34.28
C ILE A 402 -27.00 -37.92 33.24
N THR A 403 -27.36 -37.75 31.97
CA THR A 403 -26.47 -38.06 30.86
C THR A 403 -25.83 -36.77 30.36
N LYS A 404 -24.56 -36.86 29.95
CA LYS A 404 -23.90 -35.68 29.39
C LYS A 404 -24.73 -35.09 28.27
N SER A 405 -25.41 -35.94 27.51
CA SER A 405 -26.41 -35.50 26.53
C SER A 405 -27.40 -34.51 27.14
N ALA A 406 -27.93 -34.83 28.33
CA ALA A 406 -28.85 -33.91 28.99
C ALA A 406 -28.20 -32.56 29.26
N LYS A 407 -26.98 -32.57 29.81
CA LYS A 407 -26.28 -31.32 30.10
C LYS A 407 -26.05 -30.51 28.83
N GLU A 408 -25.78 -31.19 27.71
CA GLU A 408 -25.69 -30.51 26.43
C GLU A 408 -27.01 -29.81 26.11
N LYS A 409 -28.13 -30.54 26.21
CA LYS A 409 -29.42 -29.91 25.97
C LYS A 409 -29.64 -28.72 26.90
N VAL A 410 -29.12 -28.79 28.13
CA VAL A 410 -29.14 -27.62 29.00
C VAL A 410 -28.47 -26.44 28.31
N GLN A 411 -27.21 -26.64 27.92
CA GLN A 411 -26.45 -25.54 27.30
C GLN A 411 -27.21 -24.90 26.13
N ARG A 412 -27.62 -25.71 25.15
CA ARG A 412 -28.33 -25.09 24.02
C ARG A 412 -29.68 -24.52 24.43
N SER A 413 -30.28 -25.04 25.51
CA SER A 413 -31.50 -24.43 26.03
C SER A 413 -31.23 -23.03 26.57
N LEU A 414 -30.06 -22.79 27.17
CA LEU A 414 -29.73 -21.42 27.55
C LEU A 414 -29.47 -20.56 26.32
N LYS A 415 -28.78 -21.08 25.31
CA LYS A 415 -28.50 -20.21 24.18
C LYS A 415 -29.75 -19.88 23.36
N HIS A 416 -30.78 -20.73 23.38
CA HIS A 416 -31.96 -20.50 22.55
C HIS A 416 -33.17 -19.91 23.29
N GLU A 417 -33.11 -19.65 24.60
CA GLU A 417 -34.31 -19.22 25.30
C GLU A 417 -34.03 -18.09 26.30
N ASP A 418 -34.98 -17.17 26.38
CA ASP A 418 -34.93 -16.07 27.33
C ASP A 418 -35.17 -16.58 28.75
N ILE A 419 -34.69 -15.80 29.72
CA ILE A 419 -34.64 -16.23 31.12
C ILE A 419 -35.49 -15.30 31.97
N ASN A 420 -36.30 -15.89 32.85
CA ASN A 420 -37.02 -15.11 33.84
C ASN A 420 -36.03 -14.53 34.84
N LEU A 421 -36.48 -13.49 35.56
CA LEU A 421 -35.51 -12.77 36.37
C LEU A 421 -35.10 -13.53 37.63
N GLN A 422 -36.03 -14.24 38.29
CA GLN A 422 -35.59 -14.94 39.49
C GLN A 422 -34.79 -16.19 39.13
N GLU A 423 -34.80 -16.61 37.88
CA GLU A 423 -33.91 -17.70 37.49
C GLU A 423 -32.46 -17.25 37.59
N ILE A 424 -32.14 -16.09 37.00
CA ILE A 424 -30.77 -15.57 37.11
C ILE A 424 -30.50 -15.06 38.52
N ILE A 425 -31.53 -14.48 39.16
CA ILE A 425 -31.37 -13.94 40.52
C ILE A 425 -31.04 -15.06 41.49
N SER A 426 -31.79 -16.15 41.40
CA SER A 426 -31.59 -17.29 42.30
C SER A 426 -30.39 -18.12 41.91
N ALA A 427 -30.03 -18.12 40.63
CA ALA A 427 -28.84 -18.85 40.21
C ALA A 427 -27.58 -18.16 40.70
N ALA A 428 -27.47 -16.85 40.52
CA ALA A 428 -26.28 -16.11 40.90
C ALA A 428 -26.38 -15.43 42.25
N GLY A 429 -27.52 -15.54 42.93
CA GLY A 429 -27.68 -14.92 44.23
C GLY A 429 -28.06 -13.45 44.13
N LYS A 430 -28.32 -12.85 45.30
CA LYS A 430 -28.79 -11.48 45.34
C LYS A 430 -27.67 -10.45 45.18
N GLU A 431 -26.42 -10.90 45.17
CA GLU A 431 -25.31 -9.99 44.85
C GLU A 431 -25.53 -9.34 43.51
N LEU A 432 -26.20 -10.05 42.60
CA LEU A 432 -26.53 -9.53 41.28
C LEU A 432 -27.62 -8.46 41.36
N SER A 433 -28.53 -8.59 42.33
CA SER A 433 -29.69 -7.70 42.36
C SER A 433 -29.27 -6.25 42.56
N GLU A 434 -28.58 -5.95 43.67
CA GLU A 434 -28.16 -4.58 43.93
C GLU A 434 -26.92 -4.20 43.12
N ALA A 435 -26.23 -5.16 42.51
CA ALA A 435 -25.39 -4.82 41.36
C ALA A 435 -26.25 -4.15 40.29
N PHE A 436 -27.31 -4.85 39.86
CA PHE A 436 -28.33 -4.30 38.96
C PHE A 436 -28.77 -2.93 39.43
N LYS A 437 -29.40 -2.88 40.60
CA LYS A 437 -29.86 -1.60 41.16
C LYS A 437 -28.77 -0.54 41.10
N GLN A 438 -27.51 -0.92 41.35
CA GLN A 438 -26.45 0.07 41.35
C GLN A 438 -26.17 0.58 39.94
N LYS A 439 -26.03 -0.34 38.98
CA LYS A 439 -25.80 0.08 37.61
C LYS A 439 -27.00 0.88 37.09
N THR A 440 -28.20 0.36 37.33
CA THR A 440 -29.44 1.05 36.99
C THR A 440 -29.37 2.50 37.43
N SER A 441 -29.32 2.73 38.74
CA SER A 441 -29.30 4.09 39.27
C SER A 441 -28.17 4.91 38.65
N GLU A 442 -27.06 4.27 38.28
CA GLU A 442 -25.98 5.00 37.64
C GLU A 442 -26.37 5.42 36.23
N ILE A 443 -26.80 4.45 35.41
CA ILE A 443 -27.03 4.74 33.99
C ILE A 443 -28.13 5.76 33.82
N LEU A 444 -29.13 5.71 34.70
CA LEU A 444 -30.17 6.73 34.70
C LEU A 444 -29.58 8.08 35.10
N SER A 445 -28.85 8.13 36.21
CA SER A 445 -28.32 9.40 36.70
C SER A 445 -27.50 10.09 35.62
N HIS A 446 -26.50 9.37 35.08
CA HIS A 446 -25.73 9.90 33.96
C HIS A 446 -26.63 10.47 32.88
N ALA A 447 -27.62 9.67 32.44
CA ALA A 447 -28.55 10.15 31.43
C ALA A 447 -29.16 11.47 31.85
N HIS A 448 -29.77 11.50 33.03
CA HIS A 448 -30.38 12.73 33.53
C HIS A 448 -29.38 13.87 33.50
N ALA A 449 -28.14 13.60 33.94
CA ALA A 449 -27.09 14.62 33.92
C ALA A 449 -26.98 15.25 32.53
N ALA A 450 -26.77 14.42 31.52
CA ALA A 450 -26.56 14.94 30.17
C ALA A 450 -27.80 15.63 29.64
N LEU A 451 -28.99 15.31 30.17
CA LEU A 451 -30.19 15.98 29.69
C LEU A 451 -30.24 17.42 30.18
N ASP A 452 -29.68 17.69 31.36
CA ASP A 452 -29.72 19.02 31.94
C ASP A 452 -28.65 19.92 31.36
N GLN A 453 -27.38 19.53 31.50
CA GLN A 453 -26.26 20.31 31.01
C GLN A 453 -26.55 20.77 29.57
N PRO A 454 -26.39 22.06 29.26
CA PRO A 454 -26.77 22.54 27.93
C PRO A 454 -25.79 22.12 26.86
N LEU A 455 -25.99 22.61 25.64
CA LEU A 455 -25.06 22.30 24.58
C LEU A 455 -24.37 23.57 24.11
N PRO A 456 -23.07 23.49 23.81
CA PRO A 456 -22.21 24.63 23.49
C PRO A 456 -22.46 25.27 22.14
N THR A 457 -22.74 26.57 22.12
CA THR A 457 -22.04 27.47 21.21
C THR A 457 -21.99 26.83 19.83
N THR A 458 -20.75 26.66 19.36
CA THR A 458 -20.40 25.77 18.27
C THR A 458 -19.48 24.66 18.81
N LEU A 459 -19.09 23.75 17.93
CA LEU A 459 -18.26 22.61 18.30
C LEU A 459 -16.77 22.82 18.02
N LYS A 460 -16.36 24.05 17.71
CA LYS A 460 -15.07 24.33 17.06
C LYS A 460 -13.89 23.59 17.70
N LYS A 461 -13.87 23.46 19.03
CA LYS A 461 -12.68 22.95 19.71
C LYS A 461 -13.02 21.65 20.43
N GLN A 462 -11.98 20.94 20.82
CA GLN A 462 -12.13 19.55 21.23
C GLN A 462 -13.00 19.37 22.46
N GLU A 463 -12.68 20.03 23.57
CA GLU A 463 -13.49 19.85 24.78
C GLU A 463 -14.97 20.08 24.47
N GLU A 464 -15.24 21.10 23.64
CA GLU A 464 -16.57 21.32 23.09
C GLU A 464 -17.12 20.05 22.46
N LYS A 465 -16.28 19.32 21.70
CA LYS A 465 -16.68 18.03 21.14
C LYS A 465 -16.86 16.99 22.23
N GLU A 466 -16.12 17.13 23.33
CA GLU A 466 -16.06 16.09 24.35
C GLU A 466 -17.36 16.01 25.12
N ILE A 467 -17.95 17.14 25.49
CA ILE A 467 -19.22 17.04 26.19
C ILE A 467 -20.26 16.37 25.29
N LEU A 468 -20.21 16.66 23.98
CA LEU A 468 -21.10 16.01 23.03
C LEU A 468 -20.94 14.50 23.06
N LYS A 469 -19.71 14.04 22.83
CA LYS A 469 -19.42 12.61 22.87
C LYS A 469 -19.92 11.98 24.17
N SER A 470 -19.67 12.64 25.31
CA SER A 470 -20.05 12.05 26.60
C SER A 470 -21.57 11.96 26.73
N GLN A 471 -22.28 13.05 26.44
CA GLN A 471 -23.73 13.05 26.54
C GLN A 471 -24.33 11.95 25.69
N LEU A 472 -23.95 11.90 24.41
CA LEU A 472 -24.41 10.81 23.54
C LEU A 472 -24.01 9.45 24.12
N ASP A 473 -22.85 9.38 24.76
CA ASP A 473 -22.40 8.12 25.34
C ASP A 473 -23.40 7.61 26.37
N SER A 474 -23.83 8.48 27.30
CA SER A 474 -24.69 8.03 28.37
C SER A 474 -26.16 7.89 27.94
N LEU A 475 -26.65 8.76 27.06
CA LEU A 475 -27.93 8.48 26.41
C LEU A 475 -27.94 7.08 25.80
N LEU A 476 -26.94 6.81 24.97
CA LEU A 476 -26.82 5.50 24.33
C LEU A 476 -26.69 4.39 25.36
N GLY A 477 -26.02 4.66 26.49
CA GLY A 477 -25.92 3.66 27.52
C GLY A 477 -27.27 3.31 28.12
N LEU A 478 -28.12 4.32 28.33
CA LEU A 478 -29.49 4.01 28.73
C LEU A 478 -30.19 3.19 27.66
N TYR A 479 -29.93 3.49 26.39
CA TYR A 479 -30.54 2.70 25.33
C TYR A 479 -30.14 1.23 25.44
N HIS A 480 -28.84 0.96 25.66
CA HIS A 480 -28.40 -0.42 25.84
C HIS A 480 -29.12 -1.08 27.01
N LEU A 481 -29.10 -0.41 28.17
CA LEU A 481 -29.79 -0.92 29.35
C LEU A 481 -31.23 -1.32 29.02
N LEU A 482 -31.97 -0.43 28.38
CA LEU A 482 -33.33 -0.77 27.94
C LEU A 482 -33.33 -1.94 26.98
N ASP A 483 -32.30 -2.05 26.15
CA ASP A 483 -32.17 -3.10 25.15
C ASP A 483 -31.89 -4.46 25.78
N TRP A 484 -31.65 -4.51 27.10
CA TRP A 484 -31.44 -5.79 27.78
C TRP A 484 -32.66 -6.70 27.72
N PHE A 485 -33.86 -6.14 27.88
CA PHE A 485 -35.04 -6.94 28.21
C PHE A 485 -35.65 -7.61 26.98
N ALA A 486 -36.36 -8.71 27.24
CA ALA A 486 -36.91 -9.54 26.17
C ALA A 486 -37.96 -8.77 25.38
N VAL A 487 -37.76 -8.72 24.06
CA VAL A 487 -38.62 -7.92 23.20
C VAL A 487 -39.93 -8.65 22.90
N ASP A 488 -39.84 -9.94 22.54
CA ASP A 488 -40.93 -10.62 21.87
C ASP A 488 -42.19 -10.66 22.72
N GLU A 489 -43.33 -10.41 22.08
CA GLU A 489 -44.62 -10.59 22.72
C GLU A 489 -44.93 -12.05 23.01
N SER A 490 -44.17 -12.98 22.41
CA SER A 490 -44.30 -14.39 22.77
C SER A 490 -43.99 -14.62 24.24
N ASN A 491 -43.09 -13.82 24.81
CA ASN A 491 -42.71 -13.98 26.20
C ASN A 491 -43.79 -13.41 27.13
N GLU A 492 -43.80 -13.92 28.34
CA GLU A 492 -44.78 -13.55 29.36
C GLU A 492 -44.25 -12.36 30.14
N VAL A 493 -44.96 -11.24 30.07
CA VAL A 493 -44.51 -9.98 30.63
C VAL A 493 -45.70 -9.29 31.29
N ASP A 494 -45.45 -8.60 32.39
CA ASP A 494 -46.52 -7.83 33.02
C ASP A 494 -46.90 -6.70 32.07
N PRO A 495 -48.13 -6.67 31.57
CA PRO A 495 -48.43 -5.84 30.39
C PRO A 495 -48.07 -4.37 30.51
N GLU A 496 -48.29 -3.74 31.66
CA GLU A 496 -47.95 -2.33 31.82
C GLU A 496 -46.45 -2.11 31.60
N PHE A 497 -45.63 -2.85 32.34
CA PHE A 497 -44.17 -2.82 32.24
C PHE A 497 -43.70 -2.91 30.80
N SER A 498 -43.97 -4.03 30.13
CA SER A 498 -43.50 -4.21 28.76
C SER A 498 -44.03 -3.11 27.84
N ALA A 499 -45.32 -2.77 27.98
CA ALA A 499 -45.93 -1.75 27.16
C ALA A 499 -45.11 -0.47 27.16
N ARG A 500 -45.00 0.18 28.31
CA ARG A 500 -44.32 1.48 28.27
C ARG A 500 -42.80 1.35 28.34
N LEU A 501 -42.26 0.15 28.54
CA LEU A 501 -40.83 -0.07 28.34
C LEU A 501 -40.47 -0.01 26.86
N THR A 502 -41.17 -0.79 26.03
CA THR A 502 -41.03 -0.61 24.59
C THR A 502 -41.36 0.82 24.19
N GLY A 503 -42.26 1.47 24.94
CA GLY A 503 -42.47 2.90 24.75
C GLY A 503 -41.20 3.72 24.89
N ILE A 504 -40.50 3.61 26.02
CA ILE A 504 -39.32 4.44 26.20
C ILE A 504 -38.16 4.00 25.31
N LYS A 505 -38.12 2.73 24.89
CA LYS A 505 -37.14 2.33 23.91
C LYS A 505 -37.38 3.05 22.57
N LEU A 506 -38.62 3.02 22.10
CA LEU A 506 -39.00 3.81 20.94
C LEU A 506 -38.62 5.27 21.13
N GLU A 507 -38.72 5.76 22.37
CA GLU A 507 -38.24 7.11 22.67
C GLU A 507 -36.73 7.23 22.49
N MET A 508 -35.98 6.15 22.73
CA MET A 508 -34.53 6.23 22.78
C MET A 508 -33.81 5.88 21.47
N GLU A 509 -34.49 5.34 20.46
CA GLU A 509 -33.81 5.03 19.20
C GLU A 509 -33.22 6.25 18.47
N PRO A 510 -33.89 7.41 18.40
CA PRO A 510 -33.26 8.56 17.75
C PRO A 510 -31.94 8.94 18.38
N SER A 511 -31.68 8.51 19.62
CA SER A 511 -30.36 8.70 20.21
C SER A 511 -29.32 7.83 19.52
N LEU A 512 -29.70 6.62 19.08
CA LEU A 512 -28.79 5.83 18.26
C LEU A 512 -28.44 6.55 16.97
N SER A 513 -29.47 7.00 16.23
CA SER A 513 -29.18 7.73 15.00
C SER A 513 -28.32 8.98 15.28
N PHE A 514 -28.66 9.74 16.32
CA PHE A 514 -27.91 10.93 16.66
C PHE A 514 -26.46 10.62 17.00
N TYR A 515 -26.23 9.52 17.74
CA TYR A 515 -24.86 9.12 18.03
C TYR A 515 -24.07 8.92 16.75
N ASN A 516 -24.62 8.16 15.81
CA ASN A 516 -23.78 7.83 14.66
C ASN A 516 -23.59 9.02 13.72
N LYS A 517 -24.67 9.75 13.41
CA LYS A 517 -24.52 10.98 12.64
C LYS A 517 -23.50 11.91 13.29
N ALA A 518 -23.63 12.09 14.59
CA ALA A 518 -22.75 12.98 15.33
C ALA A 518 -21.30 12.54 15.19
N ARG A 519 -21.03 11.24 15.40
CA ARG A 519 -19.67 10.75 15.21
C ARG A 519 -19.18 11.08 13.82
N ASN A 520 -20.04 10.92 12.82
CA ASN A 520 -19.58 11.03 11.44
C ASN A 520 -19.23 12.46 11.07
N TYR A 521 -20.02 13.44 11.54
CA TYR A 521 -19.65 14.82 11.27
C TYR A 521 -18.46 15.25 12.12
N ALA A 522 -18.45 14.85 13.40
CA ALA A 522 -17.41 15.31 14.32
C ALA A 522 -16.03 14.87 13.86
N THR A 523 -15.89 13.62 13.47
CA THR A 523 -14.57 13.05 13.19
C THR A 523 -14.09 13.36 11.76
N LYS A 524 -14.84 14.16 11.01
CA LYS A 524 -14.39 14.64 9.71
C LYS A 524 -13.09 15.42 9.84
N LYS A 525 -12.30 15.42 8.77
CA LYS A 525 -11.05 16.17 8.75
C LYS A 525 -11.32 17.67 8.84
N PRO A 526 -10.47 18.41 9.56
CA PRO A 526 -10.62 19.87 9.60
C PRO A 526 -10.04 20.54 8.35
N TYR A 527 -10.59 21.71 8.05
CA TYR A 527 -10.24 22.44 6.83
C TYR A 527 -8.77 22.83 6.83
N SER A 528 -8.18 22.84 5.63
CA SER A 528 -6.83 23.33 5.43
C SER A 528 -6.73 23.97 4.06
N VAL A 529 -6.07 25.12 3.99
CA VAL A 529 -5.73 25.76 2.72
C VAL A 529 -4.44 25.16 2.22
N GLU A 530 -4.37 24.88 0.92
CA GLU A 530 -3.13 24.44 0.30
C GLU A 530 -2.97 25.06 -1.08
N LYS A 531 -1.85 24.71 -1.70
CA LYS A 531 -1.40 25.33 -2.94
C LYS A 531 -2.45 25.16 -4.03
N PHE A 532 -2.55 26.15 -4.91
CA PHE A 532 -3.33 25.97 -6.13
C PHE A 532 -2.53 26.48 -7.31
N LYS A 533 -2.96 26.06 -8.50
CA LYS A 533 -2.19 26.21 -9.74
C LYS A 533 -2.32 27.62 -10.28
N LEU A 534 -1.18 28.30 -10.41
CA LEU A 534 -1.06 29.58 -11.09
C LEU A 534 -0.54 29.31 -12.49
N ASN A 535 -1.43 29.57 -13.47
CA ASN A 535 -1.18 29.68 -14.91
C ASN A 535 -1.22 31.10 -15.49
N PHE A 536 -1.50 32.14 -14.69
CA PHE A 536 -1.42 33.55 -15.12
C PHE A 536 -2.13 33.84 -16.44
N GLN A 537 -3.36 33.36 -16.59
CA GLN A 537 -4.22 33.68 -17.74
C GLN A 537 -3.62 33.27 -19.09
N MET A 538 -2.71 32.30 -19.13
CA MET A 538 -2.43 31.64 -20.39
C MET A 538 -2.44 30.13 -20.16
N PRO A 539 -3.06 29.35 -21.05
CA PRO A 539 -3.22 27.91 -20.77
C PRO A 539 -1.93 27.13 -20.94
N THR A 540 -1.03 27.61 -21.80
CA THR A 540 0.23 26.96 -22.11
C THR A 540 1.35 27.35 -21.15
N LEU A 541 1.04 28.12 -20.11
CA LEU A 541 2.07 28.69 -19.25
C LEU A 541 3.03 27.65 -18.72
N ALA A 542 4.33 27.93 -18.91
CA ALA A 542 5.41 27.07 -18.46
C ALA A 542 5.27 25.64 -19.00
N SER A 543 4.69 25.51 -20.19
CA SER A 543 4.66 24.23 -20.89
C SER A 543 6.08 23.72 -21.11
N GLY A 544 6.85 24.45 -21.91
CA GLY A 544 8.23 24.14 -22.18
C GLY A 544 8.99 25.43 -22.39
N TRP A 545 10.31 25.35 -22.32
CA TRP A 545 11.12 26.53 -22.06
C TRP A 545 11.68 27.25 -23.29
N ASP A 546 11.65 26.67 -24.49
CA ASP A 546 12.62 27.14 -25.48
C ASP A 546 12.08 28.26 -26.37
N VAL A 547 12.95 28.67 -27.30
CA VAL A 547 13.07 30.08 -27.68
C VAL A 547 11.84 30.57 -28.43
N ASN A 548 11.45 29.88 -29.50
CA ASN A 548 10.41 30.42 -30.37
C ASN A 548 9.12 30.66 -29.61
N LYS A 549 8.66 29.66 -28.86
CA LYS A 549 7.42 29.77 -28.14
C LYS A 549 7.61 30.12 -26.66
N GLU A 550 8.79 30.61 -26.23
CA GLU A 550 8.80 31.35 -24.96
C GLU A 550 7.69 32.38 -24.98
N LYS A 551 7.59 33.10 -26.10
CA LYS A 551 6.53 34.08 -26.31
C LYS A 551 5.15 33.48 -26.01
N ASN A 552 4.98 32.19 -26.30
CA ASN A 552 3.71 31.52 -26.01
C ASN A 552 3.63 31.07 -24.54
N ASN A 553 4.73 30.55 -24.00
CA ASN A 553 4.77 30.02 -22.65
C ASN A 553 5.06 31.08 -21.61
N GLY A 554 5.53 32.25 -22.03
CA GLY A 554 5.66 33.40 -21.16
C GLY A 554 6.66 33.26 -20.03
N ALA A 555 7.39 32.14 -19.98
CA ALA A 555 8.31 31.86 -18.88
C ALA A 555 9.73 31.81 -19.38
N ILE A 556 10.61 32.57 -18.74
CA ILE A 556 12.04 32.59 -19.04
C ILE A 556 12.79 32.68 -17.71
N LEU A 557 14.10 32.48 -17.77
CA LEU A 557 14.90 32.53 -16.55
C LEU A 557 15.91 33.66 -16.62
N PHE A 558 16.57 33.87 -15.47
CA PHE A 558 17.57 34.92 -15.33
C PHE A 558 18.51 34.49 -14.20
N VAL A 559 19.78 34.88 -14.30
CA VAL A 559 20.73 34.70 -13.21
C VAL A 559 21.44 36.03 -12.97
N LYS A 560 21.62 36.40 -11.69
CA LYS A 560 22.50 37.53 -11.39
C LYS A 560 23.38 37.18 -10.21
N ASN A 561 24.68 37.03 -10.45
CA ASN A 561 25.68 36.84 -9.40
C ASN A 561 25.34 35.66 -8.48
N GLY A 562 24.55 34.70 -8.97
CA GLY A 562 24.13 33.57 -8.17
C GLY A 562 22.68 33.61 -7.69
N LEU A 563 21.91 34.63 -8.07
CA LEU A 563 20.50 34.75 -7.74
C LEU A 563 19.68 34.17 -8.89
N TYR A 564 18.59 33.43 -8.57
CA TYR A 564 17.87 32.89 -9.71
C TYR A 564 16.55 33.63 -9.87
N TYR A 565 16.07 33.70 -11.10
CA TYR A 565 14.89 34.50 -11.38
C TYR A 565 14.01 33.80 -12.41
N LEU A 566 12.72 33.71 -12.09
CA LEU A 566 11.69 33.29 -13.03
C LEU A 566 10.99 34.54 -13.55
N GLY A 567 11.18 34.83 -14.83
CA GLY A 567 10.34 35.80 -15.51
C GLY A 567 9.09 35.15 -16.10
N ILE A 568 7.99 35.89 -16.03
CA ILE A 568 6.70 35.49 -16.57
C ILE A 568 6.11 36.69 -17.27
N MET A 569 5.83 36.57 -18.57
CA MET A 569 5.34 37.69 -19.37
C MET A 569 3.95 37.35 -19.89
N PRO A 570 2.91 37.70 -19.14
CA PRO A 570 1.55 37.56 -19.67
C PRO A 570 1.38 38.45 -20.90
N LYS A 571 0.59 37.96 -21.84
CA LYS A 571 0.44 38.66 -23.11
C LYS A 571 -0.34 39.96 -22.92
N GLN A 572 -0.21 40.84 -23.91
CA GLN A 572 -1.08 42.00 -24.13
C GLN A 572 -2.41 41.98 -23.38
N LEU A 579 6.62 42.14 -25.55
CA LEU A 579 7.46 42.36 -26.72
C LEU A 579 8.89 41.86 -26.46
N SER A 580 9.83 42.24 -27.33
CA SER A 580 11.10 41.54 -27.42
C SER A 580 12.16 42.13 -26.49
N PHE A 581 13.32 41.46 -26.45
CA PHE A 581 14.41 41.75 -25.53
C PHE A 581 15.71 41.83 -26.31
N GLU A 582 16.56 42.80 -25.95
CA GLU A 582 17.74 43.14 -26.73
C GLU A 582 19.02 42.74 -25.98
N PRO A 583 19.83 41.83 -26.52
CA PRO A 583 21.04 41.41 -25.82
C PRO A 583 22.17 42.42 -25.99
N THR A 584 23.12 42.36 -25.05
CA THR A 584 24.30 43.23 -25.05
C THR A 584 25.54 42.43 -24.68
N GLU A 585 26.68 43.12 -24.62
CA GLU A 585 27.92 42.52 -24.19
C GLU A 585 27.89 42.24 -22.69
N LYS A 586 28.72 41.29 -22.26
CA LYS A 586 28.71 40.88 -20.87
C LYS A 586 29.25 41.95 -19.95
N THR A 587 28.89 41.84 -18.67
CA THR A 587 29.40 42.68 -17.58
C THR A 587 29.07 44.16 -17.79
N SER A 588 27.97 44.46 -18.47
CA SER A 588 27.41 45.80 -18.41
C SER A 588 26.04 45.69 -17.73
N GLU A 589 26.03 45.97 -16.42
CA GLU A 589 24.83 46.25 -15.61
C GLU A 589 23.60 45.45 -16.05
N GLY A 590 23.62 44.13 -15.85
CA GLY A 590 22.47 43.37 -16.31
C GLY A 590 22.52 41.90 -15.94
N PHE A 591 21.40 41.24 -16.21
CA PHE A 591 21.19 39.84 -15.93
C PHE A 591 21.61 38.97 -17.11
N ASP A 592 22.13 37.79 -16.81
CA ASP A 592 22.31 36.75 -17.82
C ASP A 592 21.05 35.92 -17.90
N LYS A 593 20.38 35.98 -19.04
CA LYS A 593 19.17 35.21 -19.32
C LYS A 593 19.56 33.90 -20.00
N MET A 594 18.98 32.80 -19.52
CA MET A 594 19.13 31.52 -20.18
C MET A 594 18.53 31.55 -21.57
N TYR A 595 19.22 30.93 -22.51
CA TYR A 595 18.68 30.67 -23.84
C TYR A 595 18.60 29.18 -24.05
N TYR A 596 17.41 28.71 -24.40
CA TYR A 596 17.05 27.30 -24.40
C TYR A 596 16.73 26.92 -25.84
N ASP A 597 17.37 25.90 -26.37
CA ASP A 597 16.85 25.32 -27.60
C ASP A 597 16.81 23.80 -27.46
N TYR A 598 15.68 23.23 -27.83
CA TYR A 598 15.33 21.86 -27.50
C TYR A 598 14.47 21.28 -28.60
N PHE A 599 14.70 20.01 -28.91
CA PHE A 599 13.93 19.29 -29.93
C PHE A 599 13.41 18.01 -29.29
N PRO A 600 12.17 18.00 -28.82
CA PRO A 600 11.65 16.83 -28.10
C PRO A 600 11.72 15.57 -28.94
N ASP A 601 11.61 14.43 -28.25
CA ASP A 601 12.13 13.17 -28.76
C ASP A 601 11.70 12.92 -30.20
N ALA A 602 12.69 12.69 -31.07
CA ALA A 602 12.46 12.62 -32.49
C ALA A 602 11.60 11.45 -32.91
N ALA A 603 11.42 10.47 -32.01
CA ALA A 603 10.52 9.37 -32.31
C ALA A 603 9.13 9.89 -32.59
N LYS A 604 8.61 10.66 -31.64
CA LYS A 604 7.31 11.29 -31.78
C LYS A 604 7.30 12.33 -32.91
N MET A 605 8.42 13.05 -33.01
CA MET A 605 8.49 14.35 -33.66
C MET A 605 8.86 14.27 -35.14
N ILE A 606 10.02 13.71 -35.49
CA ILE A 606 10.42 13.64 -36.90
C ILE A 606 9.28 13.18 -37.79
N PRO A 607 8.55 12.09 -37.49
CA PRO A 607 7.39 11.77 -38.31
C PRO A 607 6.34 12.87 -38.33
N LYS A 608 6.17 13.59 -37.22
CA LYS A 608 5.17 14.66 -37.18
C LYS A 608 5.54 15.80 -38.12
N CYS A 609 6.82 16.16 -38.17
CA CYS A 609 7.28 17.27 -39.00
C CYS A 609 7.64 16.86 -40.41
N SER A 610 7.60 15.57 -40.73
CA SER A 610 7.99 15.10 -42.05
C SER A 610 6.96 14.18 -42.70
N THR A 611 6.83 12.96 -42.18
CA THR A 611 6.05 11.94 -42.87
C THR A 611 4.56 12.08 -42.62
N GLN A 612 4.16 12.47 -41.42
CA GLN A 612 2.76 12.42 -41.00
C GLN A 612 1.99 13.71 -41.29
N LEU A 613 2.58 14.67 -41.99
CA LEU A 613 1.85 15.88 -42.35
C LEU A 613 0.58 15.54 -43.12
N LYS A 614 -0.50 16.28 -42.83
CA LYS A 614 -1.76 16.05 -43.51
C LYS A 614 -1.60 16.13 -45.03
N ALA A 615 -0.75 17.06 -45.49
CA ALA A 615 -0.53 17.19 -46.93
C ALA A 615 0.18 15.97 -47.51
N VAL A 616 1.20 15.46 -46.80
CA VAL A 616 1.92 14.28 -47.25
C VAL A 616 0.96 13.11 -47.47
N THR A 617 0.20 12.78 -46.42
CA THR A 617 -0.81 11.73 -46.49
C THR A 617 -1.75 11.95 -47.65
N ALA A 618 -2.36 13.14 -47.69
CA ALA A 618 -3.39 13.47 -48.67
C ALA A 618 -2.89 13.26 -50.09
N HIS A 619 -1.67 13.72 -50.36
CA HIS A 619 -1.12 13.53 -51.70
C HIS A 619 -0.80 12.06 -51.95
N PHE A 620 -0.41 11.32 -50.90
CA PHE A 620 0.07 9.96 -51.14
C PHE A 620 -1.05 8.96 -51.42
N GLN A 621 -2.22 9.12 -50.80
CA GLN A 621 -3.33 8.25 -51.22
C GLN A 621 -3.65 8.45 -52.69
N THR A 622 -3.49 9.69 -53.19
CA THR A 622 -3.75 9.98 -54.59
C THR A 622 -2.58 9.55 -55.47
N HIS A 623 -1.36 9.87 -55.07
CA HIS A 623 -0.20 9.81 -55.95
C HIS A 623 0.81 8.78 -55.48
N THR A 624 1.61 8.32 -56.44
CA THR A 624 2.87 7.60 -56.24
C THR A 624 4.06 8.54 -56.23
N THR A 625 4.19 9.37 -57.26
CA THR A 625 5.31 10.29 -57.44
C THR A 625 5.64 11.00 -56.15
N PRO A 626 6.91 11.05 -55.77
CA PRO A 626 7.29 11.57 -54.44
C PRO A 626 6.92 13.04 -54.33
N ILE A 627 7.12 13.60 -53.12
CA ILE A 627 6.80 15.02 -52.93
C ILE A 627 7.88 15.68 -52.09
N LEU A 628 8.47 16.75 -52.63
CA LEU A 628 9.35 17.65 -51.89
C LEU A 628 8.51 18.65 -51.10
N LEU A 629 8.98 18.97 -49.91
CA LEU A 629 8.41 20.03 -49.08
C LEU A 629 9.50 21.01 -48.69
N SER A 630 9.21 22.29 -48.91
CA SER A 630 10.16 23.39 -48.80
C SER A 630 10.03 24.21 -47.52
N ASN A 631 9.05 23.93 -46.66
CA ASN A 631 8.69 24.84 -45.59
C ASN A 631 9.33 24.40 -44.28
N ASN A 632 10.03 25.34 -43.62
CA ASN A 632 10.88 25.05 -42.47
C ASN A 632 11.96 24.03 -42.82
N PHE A 633 12.50 24.13 -44.05
CA PHE A 633 13.63 23.32 -44.47
C PHE A 633 14.62 24.18 -45.24
N ILE A 634 15.88 24.14 -44.82
CA ILE A 634 16.93 24.89 -45.50
C ILE A 634 17.14 24.34 -46.90
N GLU A 635 17.36 23.03 -46.99
CA GLU A 635 17.48 22.33 -48.26
C GLU A 635 16.23 21.49 -48.45
N PRO A 636 15.47 21.66 -49.53
CA PRO A 636 14.13 21.06 -49.61
C PRO A 636 14.17 19.55 -49.39
N LEU A 637 13.20 19.03 -48.65
CA LEU A 637 13.24 17.63 -48.23
C LEU A 637 12.10 16.88 -48.86
N GLU A 638 12.40 15.77 -49.54
CA GLU A 638 11.39 15.02 -50.26
C GLU A 638 11.15 13.68 -49.59
N ILE A 639 9.95 13.14 -49.83
CA ILE A 639 9.57 11.85 -49.28
C ILE A 639 8.98 11.00 -50.40
N THR A 640 9.04 9.69 -50.21
CA THR A 640 8.64 8.69 -51.19
C THR A 640 7.70 7.69 -50.53
N LYS A 641 6.93 6.99 -51.36
CA LYS A 641 5.96 6.00 -50.86
C LYS A 641 6.64 4.99 -49.95
N GLU A 642 7.87 4.60 -50.28
CA GLU A 642 8.61 3.62 -49.49
C GLU A 642 8.73 4.07 -48.03
N ILE A 643 9.11 5.32 -47.82
CA ILE A 643 9.28 5.83 -46.45
C ILE A 643 7.93 6.07 -45.78
N TYR A 644 7.04 6.79 -46.46
CA TYR A 644 5.76 7.13 -45.83
C TYR A 644 5.01 5.89 -45.39
N ASP A 645 4.88 4.89 -46.28
CA ASP A 645 4.24 3.66 -45.85
C ASP A 645 5.12 2.88 -44.87
N LEU A 646 6.44 3.11 -44.93
CA LEU A 646 7.30 2.49 -43.92
C LEU A 646 6.87 2.87 -42.51
N ASN A 647 6.53 4.14 -42.30
CA ASN A 647 6.02 4.49 -40.97
C ASN A 647 4.51 4.29 -40.81
N ASN A 648 3.78 4.06 -41.90
CA ASN A 648 2.35 3.73 -41.83
C ASN A 648 2.12 2.52 -42.71
N PRO A 649 2.41 1.32 -42.19
CA PRO A 649 2.29 0.10 -43.00
C PRO A 649 0.86 -0.23 -43.44
N GLU A 650 -0.14 0.40 -42.83
CA GLU A 650 -1.50 -0.13 -42.79
C GLU A 650 -1.50 -1.52 -42.16
N LYS A 651 -0.53 -1.75 -41.29
CA LYS A 651 -0.40 -2.97 -40.50
C LYS A 651 -0.15 -2.59 -39.06
N GLU A 652 -0.38 -3.54 -38.15
CA GLU A 652 -0.19 -3.26 -36.73
C GLU A 652 1.27 -2.92 -36.39
N PRO A 653 2.25 -3.80 -36.63
CA PRO A 653 3.62 -3.48 -36.23
C PRO A 653 4.30 -2.54 -37.22
N LYS A 654 5.15 -1.67 -36.68
CA LYS A 654 6.08 -0.91 -37.50
C LYS A 654 7.23 -1.81 -37.92
N LYS A 655 7.68 -1.66 -39.17
CA LYS A 655 8.62 -2.61 -39.74
C LYS A 655 9.96 -2.61 -39.00
N PHE A 656 10.45 -1.43 -38.63
CA PHE A 656 11.80 -1.35 -38.08
C PHE A 656 11.85 -1.76 -36.60
N GLN A 657 10.73 -1.72 -35.88
CA GLN A 657 10.80 -2.17 -34.50
C GLN A 657 10.85 -3.69 -34.44
N THR A 658 11.33 -4.18 -33.29
CA THR A 658 11.70 -5.60 -33.18
C THR A 658 10.50 -6.52 -33.32
N ALA A 659 9.32 -6.09 -32.86
CA ALA A 659 8.13 -6.93 -32.95
C ALA A 659 7.93 -7.42 -34.38
N TYR A 660 8.06 -6.50 -35.34
CA TYR A 660 8.11 -6.89 -36.75
C TYR A 660 9.18 -7.94 -37.00
N ALA A 661 10.34 -7.82 -36.36
CA ALA A 661 11.41 -8.79 -36.61
C ALA A 661 11.02 -10.18 -36.12
N LYS A 662 10.35 -10.26 -34.98
CA LYS A 662 9.86 -11.56 -34.51
C LYS A 662 8.83 -12.13 -35.46
N LYS A 663 7.82 -11.35 -35.84
CA LYS A 663 6.81 -11.90 -36.74
C LYS A 663 7.40 -12.30 -38.09
N THR A 664 8.28 -11.46 -38.64
CA THR A 664 8.80 -11.69 -39.99
C THR A 664 10.07 -12.53 -40.02
N GLY A 665 10.78 -12.67 -38.90
CA GLY A 665 11.87 -13.63 -38.79
C GLY A 665 12.99 -13.44 -39.79
N ASP A 666 12.90 -12.42 -40.65
CA ASP A 666 13.92 -12.10 -41.63
C ASP A 666 14.53 -10.77 -41.23
N GLN A 667 15.76 -10.81 -40.72
CA GLN A 667 16.40 -9.57 -40.29
C GLN A 667 16.96 -8.78 -41.46
N LYS A 668 17.39 -9.44 -42.54
CA LYS A 668 17.95 -8.72 -43.67
C LYS A 668 17.08 -7.52 -44.06
N GLY A 669 15.86 -7.81 -44.52
CA GLY A 669 14.94 -6.73 -44.86
C GLY A 669 14.71 -5.75 -43.73
N TYR A 670 14.78 -6.22 -42.49
CA TYR A 670 14.51 -5.37 -41.34
C TYR A 670 15.63 -4.36 -41.13
N ARG A 671 16.89 -4.80 -41.23
CA ARG A 671 18.01 -3.86 -41.23
C ARG A 671 17.92 -2.89 -42.39
N GLU A 672 17.50 -3.37 -43.56
CA GLU A 672 17.30 -2.45 -44.69
C GLU A 672 16.29 -1.36 -44.33
N ALA A 673 15.17 -1.76 -43.70
CA ALA A 673 14.13 -0.82 -43.33
C ALA A 673 14.63 0.21 -42.34
N LEU A 674 15.14 -0.25 -41.17
CA LEU A 674 15.60 0.72 -40.18
C LEU A 674 16.78 1.53 -40.70
N CYS A 675 17.58 0.95 -41.59
CA CYS A 675 18.72 1.66 -42.15
C CYS A 675 18.27 2.87 -42.95
N LYS A 676 17.38 2.64 -43.93
CA LYS A 676 16.92 3.80 -44.71
C LYS A 676 16.03 4.72 -43.89
N TRP A 677 15.35 4.21 -42.86
CA TRP A 677 14.58 5.12 -42.00
C TRP A 677 15.50 6.05 -41.24
N ILE A 678 16.57 5.51 -40.66
CA ILE A 678 17.57 6.35 -39.98
C ILE A 678 18.18 7.34 -40.95
N ASP A 679 18.55 6.86 -42.15
CA ASP A 679 19.06 7.75 -43.18
C ASP A 679 18.09 8.89 -43.44
N PHE A 680 16.79 8.59 -43.41
CA PHE A 680 15.78 9.63 -43.59
C PHE A 680 15.77 10.60 -42.41
N THR A 681 15.95 10.10 -41.19
CA THR A 681 16.01 10.98 -40.03
C THR A 681 17.17 11.96 -40.14
N ARG A 682 18.34 11.47 -40.59
CA ARG A 682 19.48 12.36 -40.73
C ARG A 682 19.28 13.34 -41.88
N ASP A 683 18.67 12.88 -42.97
CA ASP A 683 18.24 13.77 -44.06
C ASP A 683 17.43 14.93 -43.50
N PHE A 684 16.29 14.61 -42.88
CA PHE A 684 15.45 15.60 -42.24
C PHE A 684 16.23 16.54 -41.33
N LEU A 685 17.01 15.98 -40.40
CA LEU A 685 17.70 16.79 -39.42
C LEU A 685 18.63 17.78 -40.09
N SER A 686 19.49 17.28 -40.99
CA SER A 686 20.37 18.16 -41.75
C SER A 686 19.59 19.21 -42.51
N LYS A 687 18.35 18.91 -42.90
CA LYS A 687 17.56 19.84 -43.70
C LYS A 687 16.53 20.63 -42.91
N TYR A 688 16.34 20.37 -41.61
CA TYR A 688 15.27 21.03 -40.84
C TYR A 688 15.78 22.31 -40.21
N THR A 689 14.94 23.35 -40.23
CA THR A 689 15.37 24.69 -39.82
C THR A 689 16.05 24.68 -38.44
N LYS A 690 15.44 24.02 -37.46
CA LYS A 690 15.99 24.03 -36.12
C LYS A 690 17.26 23.19 -36.03
N THR A 691 17.24 21.97 -36.57
CA THR A 691 18.29 21.00 -36.36
C THR A 691 19.33 20.96 -37.47
N THR A 692 19.16 21.72 -38.55
CA THR A 692 20.22 21.75 -39.57
C THR A 692 21.51 22.32 -39.01
N SER A 693 21.39 23.24 -38.05
CA SER A 693 22.57 23.85 -37.46
C SER A 693 23.29 22.87 -36.53
N ILE A 694 22.57 21.93 -35.92
CA ILE A 694 23.17 21.00 -34.97
C ILE A 694 24.20 20.15 -35.68
N ASP A 695 25.39 20.05 -35.09
CA ASP A 695 26.49 19.28 -35.67
C ASP A 695 26.40 17.85 -35.15
N LEU A 696 26.14 16.91 -36.07
CA LEU A 696 25.83 15.54 -35.73
C LEU A 696 27.02 14.60 -35.88
N SER A 697 28.22 15.12 -36.17
CA SER A 697 29.35 14.29 -36.56
C SER A 697 29.61 13.12 -35.60
N SER A 698 29.22 13.26 -34.33
CA SER A 698 29.48 12.21 -33.36
C SER A 698 28.80 10.90 -33.73
N LEU A 699 27.65 10.95 -34.41
CA LEU A 699 26.87 9.74 -34.65
C LEU A 699 27.61 8.75 -35.54
N ARG A 700 27.45 7.47 -35.23
CA ARG A 700 28.09 6.38 -35.96
C ARG A 700 27.46 6.25 -37.34
N PRO A 701 28.10 5.51 -38.25
CA PRO A 701 27.47 5.26 -39.56
C PRO A 701 26.07 4.68 -39.40
N SER A 702 25.15 5.19 -40.21
CA SER A 702 23.72 4.90 -40.02
C SER A 702 23.42 3.41 -40.16
N SER A 703 24.15 2.72 -41.04
CA SER A 703 23.89 1.30 -41.26
C SER A 703 24.18 0.45 -40.03
N GLN A 704 24.99 0.95 -39.09
CA GLN A 704 25.58 0.10 -38.07
C GLN A 704 24.58 -0.28 -36.98
N TYR A 705 23.71 0.64 -36.60
CA TYR A 705 22.99 0.53 -35.32
C TYR A 705 22.12 -0.72 -35.27
N LYS A 706 22.22 -1.45 -34.16
CA LYS A 706 21.56 -2.75 -34.06
C LYS A 706 20.05 -2.59 -33.91
N ASP A 707 19.61 -1.80 -32.94
CA ASP A 707 18.19 -1.53 -32.75
C ASP A 707 17.95 -0.02 -32.77
N LEU A 708 16.79 0.36 -33.31
CA LEU A 708 16.49 1.77 -33.55
C LEU A 708 16.48 2.59 -32.27
N GLY A 709 15.96 2.02 -31.17
CA GLY A 709 15.82 2.78 -29.94
C GLY A 709 17.13 3.39 -29.45
N GLU A 710 18.21 2.61 -29.50
CA GLU A 710 19.52 3.17 -29.16
C GLU A 710 19.83 4.39 -30.02
N TYR A 711 19.75 4.22 -31.35
CA TYR A 711 19.97 5.35 -32.25
C TYR A 711 19.20 6.58 -31.82
N TYR A 712 17.94 6.39 -31.42
CA TYR A 712 17.13 7.54 -31.04
C TYR A 712 17.67 8.16 -29.75
N ALA A 713 18.12 7.33 -28.82
CA ALA A 713 18.64 7.85 -27.56
C ALA A 713 19.94 8.61 -27.77
N GLU A 714 20.81 8.15 -28.67
CA GLU A 714 22.06 8.87 -28.90
C GLU A 714 21.85 10.11 -29.75
N LEU A 715 20.81 10.11 -30.58
CA LEU A 715 20.46 11.30 -31.32
C LEU A 715 19.92 12.38 -30.41
N ASN A 716 19.09 12.01 -29.44
CA ASN A 716 18.28 12.99 -28.72
C ASN A 716 19.06 13.99 -27.84
N PRO A 717 20.19 13.65 -27.18
CA PRO A 717 20.80 14.67 -26.31
C PRO A 717 21.37 15.85 -27.09
N LEU A 718 21.99 15.59 -28.25
CA LEU A 718 22.59 16.67 -29.03
C LEU A 718 21.55 17.68 -29.51
N LEU A 719 20.26 17.39 -29.33
CA LEU A 719 19.19 18.32 -29.63
C LEU A 719 18.88 19.27 -28.48
N TYR A 720 19.41 19.00 -27.28
CA TYR A 720 19.22 19.87 -26.13
C TYR A 720 20.47 20.71 -25.94
N HIS A 721 20.36 22.02 -26.19
CA HIS A 721 21.45 22.93 -25.88
C HIS A 721 20.95 24.04 -24.97
N ILE A 722 21.73 24.29 -23.93
CA ILE A 722 21.54 25.39 -23.00
C ILE A 722 22.64 26.41 -23.29
N SER A 723 22.28 27.53 -23.91
CA SER A 723 23.16 28.66 -24.10
C SER A 723 22.75 29.76 -23.12
N PHE A 724 23.50 30.86 -23.13
CA PHE A 724 23.22 31.88 -22.14
C PHE A 724 23.64 33.23 -22.71
N GLN A 725 22.86 34.28 -22.43
CA GLN A 725 23.19 35.62 -22.91
C GLN A 725 22.82 36.67 -21.88
N ARG A 726 23.76 37.57 -21.57
CA ARG A 726 23.50 38.66 -20.65
C ARG A 726 22.70 39.77 -21.32
N ILE A 727 21.57 40.12 -20.72
CA ILE A 727 20.83 41.34 -21.05
C ILE A 727 21.16 42.36 -19.96
N ALA A 728 20.64 43.59 -20.10
CA ALA A 728 20.98 44.67 -19.18
C ALA A 728 19.82 44.98 -18.25
N GLU A 729 20.13 45.27 -16.98
CA GLU A 729 19.09 45.29 -15.95
C GLU A 729 18.30 46.60 -15.90
N LYS A 730 18.78 47.67 -16.53
CA LYS A 730 17.93 48.87 -16.65
C LYS A 730 16.72 48.57 -17.53
N GLU A 731 16.95 47.90 -18.66
CA GLU A 731 15.89 47.60 -19.61
C GLU A 731 14.75 46.87 -18.94
N ILE A 732 15.06 45.76 -18.26
CA ILE A 732 14.00 44.93 -17.69
C ILE A 732 13.65 45.30 -16.26
N MET A 733 14.43 46.17 -15.61
CA MET A 733 13.85 46.94 -14.51
C MET A 733 12.69 47.76 -15.01
N ASP A 734 12.85 48.39 -16.18
CA ASP A 734 11.76 49.14 -16.80
C ASP A 734 10.63 48.21 -17.23
N ALA A 735 10.96 47.03 -17.76
CA ALA A 735 9.91 46.10 -18.16
C ALA A 735 9.14 45.57 -16.96
N VAL A 736 9.84 45.30 -15.85
CA VAL A 736 9.19 44.87 -14.63
C VAL A 736 8.25 45.96 -14.12
N GLU A 737 8.77 47.18 -13.94
CA GLU A 737 7.93 48.26 -13.45
C GLU A 737 6.85 48.65 -14.45
N THR A 738 6.96 48.19 -15.69
CA THR A 738 5.91 48.44 -16.68
C THR A 738 4.66 47.65 -16.36
N GLY A 739 4.82 46.37 -16.03
CA GLY A 739 3.73 45.42 -16.05
C GLY A 739 3.75 44.50 -17.25
N LYS A 740 4.63 44.76 -18.23
CA LYS A 740 4.79 43.84 -19.33
C LYS A 740 5.43 42.53 -18.89
N LEU A 741 6.27 42.58 -17.86
CA LEU A 741 6.96 41.40 -17.38
C LEU A 741 6.88 41.33 -15.85
N TYR A 742 6.54 40.16 -15.34
CA TYR A 742 6.46 39.87 -13.92
C TYR A 742 7.68 39.04 -13.52
N LEU A 743 8.52 39.60 -12.66
CA LEU A 743 9.76 38.96 -12.24
C LEU A 743 9.62 38.46 -10.81
N PHE A 744 9.93 37.19 -10.61
CA PHE A 744 10.12 36.63 -9.28
C PHE A 744 11.56 36.18 -9.14
N GLN A 745 12.10 36.31 -7.94
CA GLN A 745 13.35 35.64 -7.63
C GLN A 745 13.03 34.20 -7.30
N ILE A 746 13.62 33.28 -8.06
CA ILE A 746 13.79 31.90 -7.62
C ILE A 746 14.79 31.90 -6.48
N TYR A 747 14.32 31.37 -5.33
CA TYR A 747 14.86 31.52 -3.99
C TYR A 747 14.51 30.30 -3.15
N ASN A 748 15.34 30.05 -2.15
CA ASN A 748 15.08 29.05 -1.11
C ASN A 748 15.93 29.41 0.12
N LYS A 749 15.94 28.51 1.11
CA LYS A 749 16.64 28.82 2.36
C LYS A 749 18.14 28.98 2.16
N ASP A 750 18.74 28.11 1.35
CA ASP A 750 20.18 28.19 1.10
C ASP A 750 20.57 29.42 0.29
N PHE A 751 19.61 30.11 -0.31
CA PHE A 751 19.88 31.27 -1.15
C PHE A 751 19.69 32.61 -0.46
N ALA A 752 19.41 32.62 0.85
CA ALA A 752 18.96 33.88 1.45
C ALA A 752 20.12 34.82 1.71
N LYS A 753 20.87 34.55 2.79
CA LYS A 753 22.07 35.28 3.18
C LYS A 753 22.51 34.72 4.51
N GLY A 754 23.78 34.91 4.87
CA GLY A 754 24.27 34.44 6.15
C GLY A 754 24.06 32.95 6.36
N HIS A 755 23.69 32.24 5.31
CA HIS A 755 23.77 30.80 5.30
C HIS A 755 25.01 30.46 4.49
N HIS A 756 26.08 30.11 5.19
CA HIS A 756 26.98 29.12 4.63
C HIS A 756 27.31 28.13 5.73
N GLY A 757 26.47 27.09 5.78
CA GLY A 757 26.88 25.71 5.92
C GLY A 757 26.54 25.10 4.57
N LYS A 758 26.68 23.77 4.50
CA LYS A 758 26.46 23.14 3.21
C LYS A 758 24.97 23.20 2.83
N PRO A 759 24.68 23.22 1.53
CA PRO A 759 23.30 23.41 1.06
C PRO A 759 22.53 22.09 1.03
N ASN A 760 21.28 22.18 0.59
CA ASN A 760 20.44 21.03 0.33
C ASN A 760 20.81 20.40 -1.01
N LEU A 761 20.44 19.12 -1.17
CA LEU A 761 20.83 18.39 -2.37
C LEU A 761 20.20 18.99 -3.63
N HIS A 762 18.94 19.45 -3.53
CA HIS A 762 18.30 20.01 -4.71
C HIS A 762 18.96 21.30 -5.16
N THR A 763 19.46 22.11 -4.21
CA THR A 763 20.16 23.33 -4.59
C THR A 763 21.45 23.00 -5.32
N LEU A 764 22.13 21.95 -4.91
CA LEU A 764 23.32 21.50 -5.65
C LEU A 764 22.93 21.02 -7.03
N TYR A 765 21.83 20.25 -7.14
CA TYR A 765 21.29 19.92 -8.46
C TYR A 765 21.11 21.16 -9.32
N TRP A 766 20.65 22.25 -8.71
CA TRP A 766 20.26 23.45 -9.43
C TRP A 766 21.48 24.23 -9.92
N THR A 767 22.30 24.73 -8.98
CA THR A 767 23.53 25.43 -9.34
C THR A 767 24.39 24.58 -10.25
N GLY A 768 24.58 23.31 -9.91
CA GLY A 768 25.34 22.41 -10.77
C GLY A 768 24.72 22.28 -12.15
N LEU A 769 23.39 22.27 -12.21
CA LEU A 769 22.70 22.25 -13.50
C LEU A 769 23.15 23.43 -14.35
N PHE A 770 23.19 24.62 -13.76
CA PHE A 770 23.56 25.80 -14.51
C PHE A 770 25.05 26.10 -14.45
N SER A 771 25.85 25.23 -13.84
CA SER A 771 27.28 25.45 -13.75
C SER A 771 27.91 25.49 -15.14
N PRO A 772 29.00 26.24 -15.31
CA PRO A 772 29.68 26.28 -16.62
C PRO A 772 30.08 24.91 -17.15
N GLU A 773 30.49 23.97 -16.30
CA GLU A 773 30.93 22.68 -16.81
C GLU A 773 29.76 21.87 -17.34
N ASN A 774 28.61 21.92 -16.65
CA ASN A 774 27.43 21.22 -17.16
C ASN A 774 26.92 21.89 -18.43
N LEU A 775 26.89 23.23 -18.46
CA LEU A 775 26.51 23.93 -19.68
C LEU A 775 27.44 23.58 -20.82
N ALA A 776 28.70 23.28 -20.52
CA ALA A 776 29.64 22.82 -21.54
C ALA A 776 29.08 21.57 -22.20
N LYS A 777 28.97 20.48 -21.45
CA LYS A 777 28.09 19.39 -21.88
C LYS A 777 27.46 18.74 -20.66
N THR A 778 26.22 18.29 -20.86
CA THR A 778 25.21 18.21 -19.81
C THR A 778 25.09 16.82 -19.24
N SER A 779 25.24 16.69 -17.93
CA SER A 779 24.79 15.53 -17.19
C SER A 779 23.43 15.75 -16.52
N ILE A 780 22.88 16.96 -16.58
CA ILE A 780 21.59 17.30 -15.97
C ILE A 780 20.89 18.30 -16.89
N LYS A 781 19.56 18.22 -16.95
CA LYS A 781 18.81 19.06 -17.87
C LYS A 781 17.51 19.57 -17.26
N LEU A 782 17.17 20.79 -17.64
CA LEU A 782 15.91 21.44 -17.28
C LEU A 782 14.76 20.97 -18.17
N ASN A 783 13.62 20.70 -17.57
CA ASN A 783 12.46 20.18 -18.28
C ASN A 783 11.32 21.19 -18.26
N GLY A 784 10.39 20.99 -19.18
CA GLY A 784 9.15 21.75 -19.20
C GLY A 784 8.25 21.24 -18.09
N GLN A 785 6.94 21.51 -18.23
CA GLN A 785 5.91 21.04 -17.32
C GLN A 785 5.95 21.74 -15.97
N ALA A 786 6.90 22.65 -15.73
CA ALA A 786 6.93 23.42 -14.50
C ALA A 786 5.62 24.19 -14.34
N GLU A 787 5.25 24.43 -13.08
CA GLU A 787 4.00 25.12 -12.80
C GLU A 787 4.20 26.18 -11.72
N LEU A 788 3.24 27.11 -11.64
CA LEU A 788 3.32 28.09 -10.57
C LEU A 788 2.20 27.79 -9.59
N PHE A 789 2.38 28.25 -8.36
CA PHE A 789 1.46 27.94 -7.27
C PHE A 789 1.31 29.12 -6.33
N TYR A 790 0.10 29.29 -5.84
CA TYR A 790 -0.21 30.26 -4.80
C TYR A 790 -0.83 29.52 -3.64
N ARG A 791 -0.25 29.68 -2.45
CA ARG A 791 -0.89 29.15 -1.26
C ARG A 791 -1.24 30.31 -0.32
N PRO A 792 -2.52 30.49 0.01
CA PRO A 792 -2.90 31.47 1.03
C PRO A 792 -2.39 31.07 2.41
N LYS A 793 -2.68 31.92 3.40
CA LYS A 793 -2.16 31.70 4.74
C LYS A 793 -3.12 30.86 5.58
N SER A 794 -2.71 30.55 6.80
CA SER A 794 -3.50 29.73 7.71
C SER A 794 -4.03 30.55 8.89
N ILE A 859 12.41 33.22 15.10
CA ILE A 859 12.07 32.08 15.91
C ILE A 859 10.56 32.00 16.14
N ILE A 860 9.81 32.09 15.04
CA ILE A 860 8.38 31.82 14.99
C ILE A 860 8.14 30.79 13.92
N LYS A 861 7.42 29.74 14.26
CA LYS A 861 7.30 28.58 13.39
C LYS A 861 5.86 28.46 12.91
N ASP A 862 5.70 27.77 11.77
CA ASP A 862 4.51 27.81 10.92
C ASP A 862 4.37 29.15 10.23
N ARG A 863 5.29 30.09 10.47
CA ARG A 863 5.26 31.38 9.79
C ARG A 863 5.11 31.21 8.28
N ARG A 864 5.93 30.34 7.68
CA ARG A 864 5.85 30.13 6.25
C ARG A 864 4.42 29.85 5.79
N PHE A 865 3.58 29.32 6.69
CA PHE A 865 2.18 29.09 6.39
C PHE A 865 1.26 30.23 6.81
N THR A 866 1.74 31.22 7.58
CA THR A 866 0.88 32.31 8.03
C THR A 866 0.92 33.52 7.10
N SER A 867 1.60 33.41 5.96
CA SER A 867 1.57 34.42 4.94
C SER A 867 1.27 33.78 3.59
N ASP A 868 0.84 34.61 2.65
CA ASP A 868 0.45 34.16 1.31
C ASP A 868 1.70 34.09 0.44
N LYS A 869 2.00 32.92 -0.10
CA LYS A 869 3.31 32.73 -0.72
C LYS A 869 3.22 31.99 -2.06
N PHE A 870 4.23 32.23 -2.90
CA PHE A 870 4.33 31.72 -4.26
C PHE A 870 5.34 30.59 -4.34
N PHE A 871 4.94 29.48 -4.95
CA PHE A 871 5.79 28.30 -5.04
C PHE A 871 5.97 27.86 -6.49
N PHE A 872 7.18 27.42 -6.80
CA PHE A 872 7.61 27.13 -8.16
C PHE A 872 8.03 25.68 -8.26
N HIS A 873 7.34 24.90 -9.09
CA HIS A 873 7.66 23.49 -9.26
C HIS A 873 8.27 23.27 -10.63
N VAL A 874 9.55 22.91 -10.67
CA VAL A 874 10.16 22.61 -11.97
C VAL A 874 10.80 21.22 -11.95
N PRO A 875 10.56 20.40 -12.98
CA PRO A 875 11.27 19.13 -13.09
C PRO A 875 12.62 19.27 -13.78
N ILE A 876 13.53 18.36 -13.41
CA ILE A 876 14.82 18.22 -14.04
C ILE A 876 15.08 16.74 -14.26
N THR A 877 16.03 16.44 -15.14
CA THR A 877 16.45 15.08 -15.43
C THR A 877 17.94 14.95 -15.22
N LEU A 878 18.34 13.80 -14.68
CA LEU A 878 19.71 13.46 -14.35
C LEU A 878 20.13 12.30 -15.24
N ASN A 879 21.39 12.33 -15.67
CA ASN A 879 21.94 11.37 -16.62
C ASN A 879 21.21 11.44 -17.96
N TYR A 880 21.10 12.66 -18.51
CA TYR A 880 20.47 12.80 -19.83
C TYR A 880 21.20 11.96 -20.87
N GLN A 881 22.53 12.09 -20.94
CA GLN A 881 23.30 11.31 -21.91
C GLN A 881 23.01 9.82 -21.79
N ALA A 882 22.67 9.36 -20.59
CA ALA A 882 22.49 7.95 -20.29
C ALA A 882 21.21 7.40 -20.91
N ALA A 883 21.15 6.07 -20.99
CA ALA A 883 20.02 5.38 -21.61
C ALA A 883 18.73 5.63 -20.83
N ASN A 884 17.61 5.46 -21.54
CA ASN A 884 16.30 5.69 -20.94
C ASN A 884 16.01 4.70 -19.82
N SER A 885 16.28 3.43 -20.06
CA SER A 885 16.11 2.37 -19.07
C SER A 885 17.40 1.58 -18.98
N PRO A 886 17.76 1.09 -17.80
CA PRO A 886 19.00 0.32 -17.68
C PRO A 886 18.97 -0.90 -18.58
N SER A 887 20.01 -1.05 -19.39
CA SER A 887 20.14 -2.21 -20.25
C SER A 887 20.96 -3.24 -19.50
N LYS A 888 20.31 -4.31 -19.05
CA LYS A 888 20.98 -5.43 -18.42
C LYS A 888 21.86 -4.94 -17.25
N PHE A 889 21.16 -4.49 -16.21
CA PHE A 889 21.83 -3.82 -15.10
C PHE A 889 22.35 -4.77 -14.02
N ASN A 890 21.46 -5.60 -13.49
CA ASN A 890 21.85 -6.61 -12.49
C ASN A 890 22.86 -7.74 -12.82
N GLN A 891 22.74 -8.49 -13.92
CA GLN A 891 23.82 -9.44 -14.15
C GLN A 891 25.20 -8.80 -14.00
N ARG A 892 25.55 -7.85 -14.88
CA ARG A 892 26.86 -7.23 -14.72
C ARG A 892 26.95 -6.44 -13.42
N VAL A 893 25.80 -5.90 -12.93
CA VAL A 893 25.89 -5.05 -11.75
C VAL A 893 26.61 -5.82 -10.68
N ASN A 894 26.41 -7.15 -10.60
CA ASN A 894 27.50 -7.90 -10.01
C ASN A 894 27.97 -9.08 -10.86
N ALA A 895 28.57 -8.76 -12.01
CA ALA A 895 29.81 -9.40 -12.40
C ALA A 895 30.90 -8.66 -11.67
N TYR A 896 30.50 -7.49 -11.18
CA TYR A 896 31.27 -6.78 -10.17
C TYR A 896 31.40 -7.61 -8.88
N LEU A 897 30.32 -8.23 -8.40
CA LEU A 897 30.53 -9.13 -7.25
C LEU A 897 31.22 -10.39 -7.70
N LYS A 898 30.94 -10.86 -8.93
CA LYS A 898 31.75 -11.98 -9.40
C LYS A 898 33.25 -11.68 -9.26
N GLU A 899 33.66 -10.45 -9.51
CA GLU A 899 35.09 -10.15 -9.62
C GLU A 899 35.80 -9.95 -8.28
N HIS A 900 35.13 -9.54 -7.22
CA HIS A 900 35.74 -9.47 -5.89
C HIS A 900 34.82 -10.04 -4.82
N PRO A 901 34.99 -11.30 -4.45
CA PRO A 901 34.31 -11.82 -3.24
C PRO A 901 34.69 -11.06 -1.97
N GLU A 902 35.73 -10.22 -2.01
CA GLU A 902 36.22 -9.55 -0.81
C GLU A 902 35.15 -8.69 -0.14
N THR A 903 34.28 -8.05 -0.92
CA THR A 903 33.36 -7.06 -0.35
C THR A 903 32.46 -7.69 0.71
N PRO A 904 32.30 -7.05 1.87
CA PRO A 904 31.45 -7.62 2.92
C PRO A 904 29.98 -7.47 2.59
N ILE A 905 29.11 -7.77 3.55
CA ILE A 905 27.67 -7.75 3.29
C ILE A 905 26.94 -7.04 4.42
N ILE A 906 26.23 -5.98 4.06
CA ILE A 906 25.20 -5.41 4.91
C ILE A 906 23.92 -6.18 4.71
N GLY A 907 23.17 -6.38 5.79
CA GLY A 907 21.83 -6.93 5.71
C GLY A 907 21.00 -6.29 6.80
N ILE A 908 19.68 -6.38 6.64
CA ILE A 908 18.79 -5.64 7.53
C ILE A 908 17.62 -6.52 7.92
N ASP A 909 17.24 -6.44 9.20
CA ASP A 909 16.02 -7.05 9.69
C ASP A 909 15.19 -5.97 10.36
N ARG A 910 13.88 -6.08 10.23
CA ARG A 910 12.98 -5.22 11.00
C ARG A 910 12.52 -6.07 12.17
N GLY A 911 13.13 -5.83 13.32
CA GLY A 911 12.82 -6.56 14.53
C GLY A 911 11.65 -5.89 15.23
N GLU A 912 10.82 -6.70 15.87
CA GLU A 912 9.68 -6.11 16.56
C GLU A 912 10.11 -5.41 17.83
N ARG A 913 11.12 -5.95 18.52
CA ARG A 913 11.64 -5.30 19.72
C ARG A 913 12.23 -3.94 19.39
N ASN A 914 13.11 -3.87 18.39
CA ASN A 914 13.62 -2.61 17.87
C ASN A 914 13.43 -2.59 16.36
N LEU A 915 12.75 -1.55 15.87
CA LEU A 915 12.13 -1.60 14.55
C LEU A 915 13.14 -1.83 13.43
N ILE A 916 14.31 -1.20 13.47
CA ILE A 916 15.35 -1.41 12.47
C ILE A 916 16.60 -1.95 13.14
N TYR A 917 17.15 -3.02 12.58
CA TYR A 917 18.39 -3.63 13.05
C TYR A 917 19.27 -3.93 11.85
N ILE A 918 20.54 -3.50 11.90
CA ILE A 918 21.42 -3.71 10.77
C ILE A 918 22.40 -4.84 11.09
N THR A 919 23.18 -5.23 10.08
CA THR A 919 24.28 -6.15 10.28
C THR A 919 25.29 -5.97 9.15
N VAL A 920 26.56 -6.21 9.47
CA VAL A 920 27.65 -6.21 8.49
C VAL A 920 28.52 -7.42 8.78
N ILE A 921 28.68 -8.30 7.79
CA ILE A 921 29.45 -9.53 7.95
C ILE A 921 30.58 -9.55 6.94
N ASP A 922 31.74 -10.06 7.38
CA ASP A 922 32.88 -10.22 6.49
C ASP A 922 32.61 -11.35 5.49
N SER A 923 33.29 -11.28 4.35
CA SER A 923 33.17 -12.34 3.34
C SER A 923 33.54 -13.69 3.93
N THR A 924 34.45 -13.72 4.91
CA THR A 924 34.80 -14.97 5.58
C THR A 924 33.71 -15.44 6.52
N GLY A 925 32.78 -14.57 6.89
CA GLY A 925 31.74 -14.92 7.83
C GLY A 925 31.95 -14.47 9.27
N LYS A 926 32.84 -13.51 9.51
CA LYS A 926 33.03 -12.95 10.85
C LYS A 926 32.33 -11.59 10.93
N ILE A 927 31.55 -11.40 12.00
CA ILE A 927 30.79 -10.16 12.15
C ILE A 927 31.73 -8.98 12.36
N LEU A 928 31.33 -7.83 11.84
CA LEU A 928 32.05 -6.57 12.05
C LEU A 928 31.35 -5.69 13.09
N GLU A 929 30.15 -5.21 12.78
CA GLU A 929 29.43 -4.28 13.65
C GLU A 929 27.98 -4.71 13.78
N GLN A 930 27.37 -4.40 14.92
CA GLN A 930 25.96 -4.64 15.19
C GLN A 930 25.35 -3.34 15.73
N ARG A 931 24.24 -2.89 15.16
CA ARG A 931 23.70 -1.61 15.60
C ARG A 931 22.19 -1.63 15.66
N SER A 932 21.62 -0.74 16.48
CA SER A 932 20.20 -0.48 16.41
C SER A 932 20.01 0.98 16.12
N LEU A 933 18.93 1.25 15.42
CA LEU A 933 18.63 2.56 14.95
C LEU A 933 17.39 3.09 15.65
N ASN A 934 17.13 2.58 16.83
CA ASN A 934 16.00 3.04 17.59
C ASN A 934 16.21 4.52 17.81
N THR A 935 17.46 4.91 17.98
CA THR A 935 17.77 6.27 18.34
C THR A 935 18.99 6.73 17.56
N ILE A 936 18.85 7.87 16.88
CA ILE A 936 19.94 8.44 16.09
C ILE A 936 19.94 9.94 16.33
N GLN A 937 21.14 10.53 16.25
CA GLN A 937 21.35 11.96 16.49
C GLN A 937 20.89 12.32 17.90
N GLN A 938 21.14 11.41 18.84
CA GLN A 938 20.72 11.55 20.23
C GLN A 938 19.22 11.80 20.33
N PHE A 939 18.45 11.12 19.48
CA PHE A 939 16.99 11.15 19.56
C PHE A 939 16.46 9.74 19.31
N ASP A 940 15.60 9.26 20.22
CA ASP A 940 14.95 7.97 20.03
C ASP A 940 13.71 8.19 19.17
N TYR A 941 13.72 7.63 17.96
CA TYR A 941 12.54 7.65 17.11
C TYR A 941 11.55 6.53 17.47
N GLN A 942 12.01 5.43 18.06
CA GLN A 942 11.06 4.38 18.43
C GLN A 942 10.10 4.86 19.50
N LYS A 943 10.62 5.51 20.54
CA LYS A 943 9.75 5.99 21.61
C LYS A 943 8.85 7.11 21.13
N LYS A 944 9.40 8.01 20.30
CA LYS A 944 8.57 9.06 19.72
C LYS A 944 7.43 8.47 18.90
N LEU A 945 7.73 7.46 18.08
CA LEU A 945 6.68 6.79 17.31
C LEU A 945 5.68 6.12 18.23
N ASP A 946 6.17 5.29 19.16
CA ASP A 946 5.31 4.57 20.11
C ASP A 946 4.31 5.52 20.76
N ASN A 947 4.82 6.62 21.32
CA ASN A 947 3.94 7.65 21.86
C ASN A 947 2.98 8.17 20.78
N ARG A 948 3.46 8.32 19.55
CA ARG A 948 2.64 8.95 18.53
C ARG A 948 1.45 8.08 18.14
N GLU A 949 1.65 6.76 17.98
CA GLU A 949 0.53 5.90 17.61
C GLU A 949 -0.39 5.65 18.78
N LYS A 950 0.17 5.54 20.00
CA LYS A 950 -0.70 5.50 21.17
C LYS A 950 -1.63 6.73 21.18
N GLU A 951 -1.04 7.91 21.03
CA GLU A 951 -1.81 9.14 20.94
C GLU A 951 -2.81 9.08 19.79
N ARG A 952 -2.46 8.42 18.69
CA ARG A 952 -3.37 8.24 17.57
C ARG A 952 -4.63 7.50 18.00
N VAL A 953 -4.51 6.22 18.39
CA VAL A 953 -5.70 5.44 18.71
C VAL A 953 -6.50 6.10 19.82
N ALA A 954 -5.82 6.73 20.78
CA ALA A 954 -6.51 7.55 21.77
C ALA A 954 -7.35 8.62 21.09
N ALA A 955 -6.79 9.25 20.06
CA ALA A 955 -7.52 10.29 19.34
C ALA A 955 -8.74 9.74 18.62
N ARG A 956 -8.62 8.54 18.05
CA ARG A 956 -9.72 7.99 17.27
C ARG A 956 -10.87 7.50 18.14
N GLN A 957 -10.58 6.93 19.31
CA GLN A 957 -11.69 6.57 20.18
C GLN A 957 -12.30 7.77 20.89
N ALA A 958 -11.58 8.89 20.95
CA ALA A 958 -12.08 10.11 21.56
C ALA A 958 -12.68 11.09 20.56
N TRP A 959 -12.76 10.71 19.28
CA TRP A 959 -13.20 11.60 18.20
C TRP A 959 -12.28 12.80 18.06
N SER A 960 -11.00 12.60 18.35
CA SER A 960 -9.96 13.59 18.15
C SER A 960 -9.38 13.47 16.75
N VAL A 961 -9.00 14.62 16.18
CA VAL A 961 -8.31 14.62 14.90
C VAL A 961 -7.11 13.69 14.98
N VAL A 962 -7.00 12.81 13.98
CA VAL A 962 -6.05 11.71 14.06
C VAL A 962 -4.63 12.21 13.82
N GLY A 963 -4.38 12.76 12.66
CA GLY A 963 -3.07 13.30 12.34
C GLY A 963 -2.20 12.31 11.60
N THR A 964 -1.11 12.84 11.06
CA THR A 964 -0.27 12.13 10.10
C THR A 964 1.07 11.78 10.71
N ILE A 965 1.42 10.50 10.64
CA ILE A 965 2.72 10.02 11.10
C ILE A 965 3.74 9.90 9.97
N LYS A 966 3.34 10.14 8.71
CA LYS A 966 4.22 9.87 7.58
C LYS A 966 5.44 10.79 7.60
N ASP A 967 5.25 12.08 7.95
CA ASP A 967 6.36 13.01 7.95
C ASP A 967 7.40 12.62 9.00
N LEU A 968 6.94 12.30 10.21
CA LEU A 968 7.85 11.80 11.24
C LEU A 968 8.57 10.54 10.77
N LYS A 969 7.79 9.57 10.27
CA LYS A 969 8.35 8.30 9.81
C LYS A 969 9.50 8.54 8.83
N GLN A 970 9.30 9.43 7.85
CA GLN A 970 10.34 9.56 6.84
C GLN A 970 11.40 10.61 7.17
N GLY A 971 11.24 11.42 8.22
CA GLY A 971 12.40 12.11 8.75
C GLY A 971 13.36 11.14 9.42
N TYR A 972 12.79 10.31 10.31
CA TYR A 972 13.53 9.20 10.89
C TYR A 972 14.26 8.41 9.80
N LEU A 973 13.48 7.79 8.91
CA LEU A 973 14.06 7.00 7.84
C LEU A 973 14.95 7.83 6.92
N SER A 974 14.80 9.16 6.91
CA SER A 974 15.71 9.99 6.15
C SER A 974 17.13 9.83 6.69
N GLN A 975 17.30 10.03 7.99
CA GLN A 975 18.66 9.86 8.53
C GLN A 975 19.11 8.40 8.43
N VAL A 976 18.19 7.46 8.70
CA VAL A 976 18.55 6.04 8.57
C VAL A 976 19.13 5.75 7.19
N ILE A 977 18.43 6.19 6.15
CA ILE A 977 18.94 6.09 4.78
C ILE A 977 20.33 6.70 4.69
N HIS A 978 20.49 7.89 5.28
CA HIS A 978 21.76 8.60 5.21
C HIS A 978 22.93 7.70 5.60
N GLU A 979 23.00 7.27 6.87
CA GLU A 979 24.20 6.51 7.22
C GLU A 979 24.17 5.07 6.73
N ILE A 980 22.99 4.53 6.39
CA ILE A 980 22.96 3.21 5.75
C ILE A 980 23.72 3.24 4.43
N VAL A 981 23.44 4.21 3.57
CA VAL A 981 24.20 4.29 2.34
C VAL A 981 25.62 4.78 2.61
N ASP A 982 25.81 5.51 3.73
CA ASP A 982 27.14 6.05 4.00
C ASP A 982 28.14 4.94 4.32
N LEU A 983 27.84 4.07 5.28
CA LEU A 983 28.76 2.97 5.51
C LEU A 983 28.43 1.75 4.69
N MET A 984 27.40 1.81 3.82
CA MET A 984 27.43 0.97 2.63
C MET A 984 28.59 1.37 1.72
N ILE A 985 28.79 2.68 1.54
CA ILE A 985 29.87 3.16 0.69
C ILE A 985 31.22 2.83 1.33
N HIS A 986 31.41 3.26 2.59
CA HIS A 986 32.74 3.16 3.20
C HIS A 986 33.20 1.71 3.29
N TYR A 987 32.27 0.76 3.38
CA TYR A 987 32.62 -0.66 3.32
C TYR A 987 32.51 -1.23 1.91
N GLN A 988 32.05 -0.44 0.93
CA GLN A 988 31.96 -0.85 -0.47
C GLN A 988 31.26 -2.21 -0.60
N ALA A 989 30.13 -2.36 0.08
CA ALA A 989 29.52 -3.67 0.25
C ALA A 989 28.19 -3.75 -0.48
N VAL A 990 27.60 -4.95 -0.43
CA VAL A 990 26.27 -5.23 -0.96
C VAL A 990 25.29 -5.23 0.20
N VAL A 991 24.15 -4.60 0.02
CA VAL A 991 23.11 -4.55 1.03
C VAL A 991 22.03 -5.57 0.69
N VAL A 992 21.46 -6.17 1.73
CA VAL A 992 20.56 -7.32 1.61
C VAL A 992 19.38 -7.09 2.55
N LEU A 993 18.17 -7.15 2.01
CA LEU A 993 16.96 -6.90 2.77
C LEU A 993 16.06 -8.14 2.77
N ALA A 994 14.96 -8.03 3.51
CA ALA A 994 14.04 -9.14 3.75
C ALA A 994 12.75 -8.89 2.98
N ASN A 995 12.27 -9.90 2.28
CA ASN A 995 11.14 -9.75 1.36
C ASN A 995 9.94 -10.53 1.91
N LEU A 996 8.83 -9.83 2.12
CA LEU A 996 7.55 -10.50 2.37
C LEU A 996 6.42 -9.76 1.67
N GLU A 1009 2.56 -3.68 11.77
CA GLU A 1009 3.99 -3.88 11.91
C GLU A 1009 4.77 -3.36 10.71
N LYS A 1010 4.45 -3.91 9.53
CA LYS A 1010 5.37 -3.96 8.40
C LYS A 1010 5.33 -2.73 7.50
N ALA A 1011 4.51 -1.72 7.80
CA ALA A 1011 4.53 -0.52 6.97
C ALA A 1011 5.89 0.15 7.01
N VAL A 1012 6.52 0.14 8.18
CA VAL A 1012 7.80 0.83 8.37
C VAL A 1012 8.88 0.21 7.49
N TYR A 1013 8.93 -1.13 7.45
CA TYR A 1013 9.89 -1.81 6.58
C TYR A 1013 9.67 -1.41 5.12
N GLN A 1014 8.49 -1.72 4.59
CA GLN A 1014 8.23 -1.51 3.16
C GLN A 1014 8.54 -0.08 2.74
N GLN A 1015 8.13 0.89 3.56
CA GLN A 1015 8.59 2.26 3.33
C GLN A 1015 10.11 2.32 3.28
N PHE A 1016 10.79 1.66 4.22
CA PHE A 1016 12.24 1.76 4.31
C PHE A 1016 12.90 1.35 3.00
N GLU A 1017 12.64 0.13 2.51
CA GLU A 1017 13.38 -0.18 1.28
C GLU A 1017 12.84 0.54 0.06
N LYS A 1018 11.61 1.05 0.09
CA LYS A 1018 11.23 1.97 -0.98
C LYS A 1018 12.21 3.14 -1.05
N MET A 1019 12.39 3.86 0.06
CA MET A 1019 13.27 5.02 0.00
C MET A 1019 14.73 4.61 -0.22
N LEU A 1020 15.12 3.41 0.21
CA LEU A 1020 16.49 2.98 -0.03
C LEU A 1020 16.72 2.75 -1.51
N ILE A 1021 15.85 1.98 -2.17
CA ILE A 1021 15.94 1.79 -3.60
C ILE A 1021 16.00 3.14 -4.31
N ASP A 1022 15.15 4.08 -3.87
CA ASP A 1022 15.14 5.41 -4.48
C ASP A 1022 16.48 6.11 -4.33
N LYS A 1023 17.04 6.08 -3.12
CA LYS A 1023 18.32 6.75 -2.89
C LYS A 1023 19.46 6.07 -3.64
N LEU A 1024 19.35 4.78 -3.91
CA LEU A 1024 20.42 4.11 -4.66
C LEU A 1024 20.23 4.19 -6.16
N ASN A 1025 19.04 4.56 -6.64
CA ASN A 1025 18.89 4.86 -8.06
C ASN A 1025 19.70 6.09 -8.42
N CYS A 1026 19.79 7.06 -7.51
CA CYS A 1026 20.66 8.21 -7.71
C CYS A 1026 21.35 8.55 -6.39
N LEU A 1027 22.67 8.47 -6.37
CA LEU A 1027 23.47 8.74 -5.18
C LEU A 1027 24.37 9.93 -5.44
N VAL A 1028 24.29 10.93 -4.56
CA VAL A 1028 25.12 12.13 -4.65
C VAL A 1028 25.69 12.42 -3.27
N LEU A 1029 26.94 12.86 -3.23
CA LEU A 1029 27.60 13.26 -1.99
C LEU A 1029 27.97 14.73 -2.09
N LYS A 1030 27.59 15.50 -1.07
CA LYS A 1030 27.59 16.95 -1.17
C LYS A 1030 29.00 17.51 -1.35
N ASP A 1031 30.00 16.90 -0.71
CA ASP A 1031 31.35 17.44 -0.74
C ASP A 1031 32.05 17.19 -2.08
N TYR A 1032 31.72 16.09 -2.76
CA TYR A 1032 32.45 15.70 -3.96
C TYR A 1032 32.34 16.77 -5.05
N PRO A 1033 33.39 16.94 -5.85
CA PRO A 1033 33.29 17.81 -7.01
C PRO A 1033 32.38 17.21 -8.07
N ALA A 1034 31.78 18.10 -8.87
CA ALA A 1034 30.70 17.69 -9.78
C ALA A 1034 31.16 16.64 -10.78
N GLU A 1035 32.22 16.94 -11.52
CA GLU A 1035 32.68 16.03 -12.58
C GLU A 1035 33.25 14.73 -12.05
N LYS A 1036 33.58 14.65 -10.76
CA LYS A 1036 34.06 13.41 -10.16
C LYS A 1036 32.87 12.54 -9.76
N VAL A 1037 33.03 11.23 -9.94
CA VAL A 1037 31.90 10.31 -9.78
C VAL A 1037 31.41 10.37 -8.34
N GLY A 1038 30.09 10.53 -8.18
CA GLY A 1038 29.48 10.84 -6.91
C GLY A 1038 29.02 12.28 -6.79
N GLY A 1039 29.54 13.17 -7.64
CA GLY A 1039 29.14 14.55 -7.63
C GLY A 1039 27.83 14.78 -8.35
N VAL A 1040 27.37 16.03 -8.29
CA VAL A 1040 26.10 16.38 -8.90
C VAL A 1040 26.10 16.07 -10.39
N LEU A 1041 27.26 16.13 -11.05
CA LEU A 1041 27.29 15.78 -12.46
C LEU A 1041 27.40 14.27 -12.68
N ASN A 1042 28.20 13.55 -11.89
CA ASN A 1042 28.30 12.10 -12.05
C ASN A 1042 27.78 11.39 -10.80
N PRO A 1043 26.56 10.86 -10.84
CA PRO A 1043 26.01 10.10 -9.71
C PRO A 1043 26.42 8.62 -9.71
N TYR A 1044 26.29 7.99 -8.54
CA TYR A 1044 26.27 6.55 -8.44
C TYR A 1044 24.85 6.02 -8.60
N GLN A 1045 24.71 4.87 -9.29
CA GLN A 1045 23.45 4.14 -9.33
C GLN A 1045 23.74 2.70 -8.96
N LEU A 1046 23.32 2.29 -7.76
CA LEU A 1046 23.53 0.93 -7.27
C LEU A 1046 22.31 0.04 -7.37
N THR A 1047 21.19 0.54 -7.89
CA THR A 1047 19.97 -0.24 -7.95
C THR A 1047 19.39 -0.20 -9.35
N ASP A 1048 18.85 -1.33 -9.78
CA ASP A 1048 18.09 -1.35 -11.01
C ASP A 1048 16.92 -0.39 -10.88
N GLN A 1049 16.60 0.27 -11.98
CA GLN A 1049 15.54 1.28 -12.00
C GLN A 1049 14.27 0.70 -11.41
N PHE A 1050 13.58 1.50 -10.60
CA PHE A 1050 12.37 1.01 -9.96
C PHE A 1050 11.24 1.34 -10.92
N THR A 1051 10.74 0.31 -11.60
CA THR A 1051 9.57 0.44 -12.44
C THR A 1051 8.29 0.29 -11.63
N SER A 1052 8.25 -0.69 -10.74
CA SER A 1052 7.19 -0.85 -9.75
C SER A 1052 7.67 -1.87 -8.73
N PHE A 1053 6.86 -2.07 -7.69
CA PHE A 1053 7.23 -3.00 -6.63
C PHE A 1053 6.86 -4.44 -6.98
N ALA A 1054 5.73 -4.65 -7.68
CA ALA A 1054 5.25 -6.00 -7.93
C ALA A 1054 6.17 -6.79 -8.83
N LYS A 1055 6.80 -6.13 -9.79
CA LYS A 1055 7.68 -6.79 -10.76
C LYS A 1055 9.11 -6.89 -10.26
N MET A 1056 9.38 -6.49 -9.02
CA MET A 1056 10.71 -6.61 -8.46
C MET A 1056 11.09 -8.08 -8.27
N GLY A 1057 12.20 -8.44 -8.87
CA GLY A 1057 12.82 -9.74 -8.68
C GLY A 1057 13.54 -9.69 -7.36
N THR A 1058 14.01 -10.83 -6.90
CA THR A 1058 14.68 -10.92 -5.62
C THR A 1058 15.91 -10.03 -5.62
N GLN A 1059 16.57 -9.94 -6.73
CA GLN A 1059 17.77 -9.13 -6.79
C GLN A 1059 17.54 -7.89 -7.62
N SER A 1060 17.75 -6.77 -7.00
CA SER A 1060 17.78 -5.52 -7.72
C SER A 1060 19.15 -4.97 -7.49
N GLY A 1061 19.76 -4.53 -8.57
CA GLY A 1061 21.08 -3.92 -8.41
C GLY A 1061 21.88 -4.54 -7.29
N PHE A 1062 22.53 -3.68 -6.50
CA PHE A 1062 23.32 -4.17 -5.39
C PHE A 1062 22.45 -4.63 -4.23
N LEU A 1063 21.30 -3.97 -4.01
CA LEU A 1063 20.32 -4.50 -3.06
C LEU A 1063 19.88 -5.90 -3.46
N PHE A 1064 19.95 -6.82 -2.50
CA PHE A 1064 19.48 -8.17 -2.75
C PHE A 1064 18.34 -8.47 -1.79
N TYR A 1065 17.20 -8.87 -2.34
CA TYR A 1065 16.09 -9.35 -1.51
C TYR A 1065 16.33 -10.79 -1.04
N VAL A 1066 15.99 -11.13 0.20
CA VAL A 1066 16.03 -12.52 0.65
C VAL A 1066 14.82 -12.90 1.48
N PRO A 1067 14.45 -14.18 1.44
CA PRO A 1067 13.35 -14.67 2.27
C PRO A 1067 13.71 -14.55 3.75
N ALA A 1068 12.75 -14.14 4.57
CA ALA A 1068 12.95 -13.97 6.00
C ALA A 1068 13.13 -15.23 6.84
N PRO A 1069 12.34 -16.32 6.47
CA PRO A 1069 12.21 -17.32 7.53
C PRO A 1069 13.52 -17.95 7.95
N TYR A 1070 13.64 -18.15 9.25
CA TYR A 1070 14.68 -18.95 9.87
C TYR A 1070 15.91 -18.14 10.14
N THR A 1071 15.90 -16.90 9.69
CA THR A 1071 16.96 -16.00 10.06
C THR A 1071 16.67 -15.71 11.50
N SER A 1072 15.40 -15.48 11.77
CA SER A 1072 14.97 -15.02 13.07
C SER A 1072 15.21 -16.03 14.18
N LYS A 1073 14.88 -17.27 13.89
CA LYS A 1073 14.69 -18.24 14.94
C LYS A 1073 15.84 -19.20 15.16
N ILE A 1074 16.95 -18.98 14.48
CA ILE A 1074 18.01 -19.98 14.50
C ILE A 1074 19.22 -19.56 15.30
N ASP A 1075 19.65 -20.44 16.19
CA ASP A 1075 20.90 -20.19 16.86
C ASP A 1075 21.92 -20.21 15.75
N PRO A 1076 22.79 -19.21 15.75
CA PRO A 1076 23.84 -19.09 14.75
C PRO A 1076 24.86 -20.22 14.83
N LEU A 1077 25.24 -20.62 16.05
CA LEU A 1077 26.27 -21.61 16.19
C LEU A 1077 25.71 -22.95 15.81
N THR A 1078 24.52 -23.23 16.32
CA THR A 1078 23.88 -24.50 16.08
C THR A 1078 23.53 -24.70 14.63
N GLY A 1079 22.98 -23.66 14.04
CA GLY A 1079 22.32 -23.82 12.76
C GLY A 1079 21.26 -24.88 12.93
N PHE A 1080 20.57 -24.86 14.07
CA PHE A 1080 19.59 -25.90 14.41
C PHE A 1080 18.22 -25.35 14.82
N VAL A 1081 17.17 -26.15 14.69
CA VAL A 1081 15.87 -25.68 15.10
C VAL A 1081 15.08 -26.84 15.69
N ASP A 1082 13.89 -26.51 16.14
CA ASP A 1082 12.77 -27.43 16.20
C ASP A 1082 12.37 -27.83 14.78
N PRO A 1083 12.57 -29.09 14.39
CA PRO A 1083 12.19 -29.53 13.04
C PRO A 1083 10.70 -29.61 12.78
N PHE A 1084 9.85 -29.38 13.77
CA PHE A 1084 8.46 -29.83 13.68
C PHE A 1084 7.46 -28.78 14.16
N VAL A 1085 6.23 -28.90 13.64
CA VAL A 1085 5.09 -28.13 14.13
C VAL A 1085 4.50 -28.86 15.32
N TRP A 1086 4.11 -28.09 16.33
CA TRP A 1086 3.59 -28.64 17.57
C TRP A 1086 2.09 -28.87 17.52
N LYS A 1087 1.45 -28.47 16.42
CA LYS A 1087 0.04 -28.74 16.19
C LYS A 1087 -0.24 -30.22 15.97
N THR A 1088 0.76 -30.99 15.55
CA THR A 1088 0.61 -32.44 15.36
C THR A 1088 0.88 -33.25 16.63
N ILE A 1089 1.47 -32.64 17.67
CA ILE A 1089 1.56 -33.26 18.97
C ILE A 1089 0.45 -32.62 19.80
N LYS A 1090 -0.63 -33.38 20.00
CA LYS A 1090 -1.91 -32.84 20.47
C LYS A 1090 -2.45 -33.65 21.64
N ASN A 1091 -2.75 -34.91 21.39
CA ASN A 1091 -3.31 -35.81 22.37
C ASN A 1091 -2.20 -36.65 23.02
N HIS A 1092 -2.60 -37.62 23.84
CA HIS A 1092 -1.68 -38.36 24.69
C HIS A 1092 -0.95 -39.45 23.91
N GLU A 1093 -1.63 -40.10 22.96
CA GLU A 1093 -0.98 -41.13 22.15
C GLU A 1093 0.14 -40.53 21.30
N SER A 1094 -0.13 -39.37 20.69
CA SER A 1094 0.88 -38.72 19.86
C SER A 1094 2.05 -38.20 20.70
N ARG A 1095 1.78 -37.78 21.94
CA ARG A 1095 2.87 -37.39 22.83
C ARG A 1095 3.73 -38.59 23.20
N LYS A 1096 3.11 -39.73 23.48
CA LYS A 1096 3.86 -40.96 23.76
C LYS A 1096 4.75 -41.32 22.58
N HIS A 1097 4.16 -41.34 21.36
CA HIS A 1097 4.95 -41.62 20.16
C HIS A 1097 6.11 -40.63 20.02
N PHE A 1098 5.84 -39.35 20.29
CA PHE A 1098 6.87 -38.32 20.17
C PHE A 1098 8.04 -38.60 21.11
N LEU A 1099 7.74 -39.00 22.35
CA LEU A 1099 8.84 -39.34 23.27
C LEU A 1099 9.53 -40.63 22.87
N GLU A 1100 8.82 -41.53 22.20
CA GLU A 1100 9.45 -42.75 21.73
C GLU A 1100 10.26 -42.55 20.46
N GLY A 1101 10.22 -41.36 19.86
CA GLY A 1101 11.14 -41.05 18.77
C GLY A 1101 12.54 -40.67 19.21
N PHE A 1102 12.73 -40.28 20.47
CA PHE A 1102 14.05 -39.90 20.98
C PHE A 1102 14.81 -41.11 21.48
N ASP A 1103 16.11 -41.13 21.21
CA ASP A 1103 16.93 -42.29 21.57
C ASP A 1103 17.10 -42.42 23.08
N PHE A 1104 17.65 -41.40 23.74
CA PHE A 1104 17.80 -41.45 25.18
C PHE A 1104 17.69 -40.06 25.78
N LEU A 1105 17.38 -40.03 27.07
CA LEU A 1105 17.49 -38.82 27.88
C LEU A 1105 18.08 -39.22 29.22
N HIS A 1106 19.25 -38.67 29.57
CA HIS A 1106 19.89 -39.02 30.83
C HIS A 1106 20.62 -37.80 31.40
N TYR A 1107 21.00 -37.93 32.67
CA TYR A 1107 21.67 -36.87 33.41
C TYR A 1107 23.19 -37.02 33.32
N ASP A 1108 23.87 -35.93 33.00
CA ASP A 1108 25.33 -35.87 33.06
C ASP A 1108 25.74 -35.46 34.47
N VAL A 1109 26.51 -36.32 35.13
CA VAL A 1109 26.89 -36.05 36.52
C VAL A 1109 27.98 -34.99 36.59
N LYS A 1110 28.98 -35.07 35.71
CA LYS A 1110 30.06 -34.08 35.71
C LYS A 1110 29.51 -32.67 35.46
N THR A 1111 28.95 -32.43 34.27
CA THR A 1111 28.53 -31.09 33.89
C THR A 1111 27.31 -30.63 34.70
N GLY A 1112 26.40 -31.54 35.01
CA GLY A 1112 25.23 -31.23 35.79
C GLY A 1112 23.96 -30.96 35.01
N ASP A 1113 23.92 -31.29 33.72
CA ASP A 1113 22.76 -31.03 32.88
C ASP A 1113 22.38 -32.29 32.12
N PHE A 1114 21.22 -32.24 31.48
CA PHE A 1114 20.62 -33.38 30.81
C PHE A 1114 20.85 -33.32 29.30
N ILE A 1115 21.00 -34.51 28.71
CA ILE A 1115 21.24 -34.66 27.27
C ILE A 1115 20.12 -35.52 26.68
N LEU A 1116 19.46 -35.01 25.66
CA LEU A 1116 18.43 -35.72 24.91
C LEU A 1116 18.92 -35.90 23.48
N HIS A 1117 19.13 -37.15 23.07
CA HIS A 1117 19.62 -37.43 21.72
C HIS A 1117 18.47 -37.78 20.80
N PHE A 1118 18.42 -37.11 19.66
CA PHE A 1118 17.39 -37.30 18.65
C PHE A 1118 18.04 -37.43 17.28
N LYS A 1119 17.70 -38.50 16.57
CA LYS A 1119 18.08 -38.65 15.17
C LYS A 1119 17.02 -38.00 14.29
N MET A 1120 17.48 -37.21 13.31
CA MET A 1120 16.56 -36.48 12.45
C MET A 1120 15.69 -37.39 11.59
N ASN A 1121 16.07 -38.66 11.45
CA ASN A 1121 15.26 -39.61 10.68
C ASN A 1121 14.13 -40.20 11.48
N ARG A 1122 14.06 -39.96 12.79
CA ARG A 1122 12.91 -40.37 13.59
C ARG A 1122 11.88 -39.24 13.64
N ASN A 1123 10.72 -39.56 14.22
CA ASN A 1123 9.59 -38.63 14.35
C ASN A 1123 9.32 -37.88 13.04
N LEU A 1124 9.30 -38.62 11.94
CA LEU A 1124 9.06 -38.00 10.63
C LEU A 1124 7.63 -37.52 10.47
N SER A 1125 6.66 -38.14 11.15
CA SER A 1125 5.28 -37.69 11.08
C SER A 1125 5.06 -36.38 11.83
N PHE A 1126 5.86 -36.11 12.86
CA PHE A 1126 5.74 -34.84 13.56
C PHE A 1126 6.53 -33.70 12.91
N GLN A 1127 7.56 -34.00 12.12
CA GLN A 1127 8.51 -32.97 11.70
C GLN A 1127 7.90 -32.02 10.67
N ARG A 1128 8.65 -30.97 10.34
CA ARG A 1128 8.27 -30.01 9.30
C ARG A 1128 8.89 -30.35 7.95
N GLY A 1129 9.56 -31.50 7.85
CA GLY A 1129 10.11 -31.97 6.60
C GLY A 1129 11.44 -31.37 6.21
N LEU A 1130 12.20 -30.86 7.18
CA LEU A 1130 13.48 -30.22 6.92
C LEU A 1130 14.55 -31.04 7.64
N PRO A 1131 15.03 -32.12 7.02
CA PRO A 1131 16.05 -32.95 7.69
C PRO A 1131 17.34 -32.20 7.92
N GLY A 1132 17.65 -31.26 7.04
CA GLY A 1132 18.86 -30.48 7.10
C GLY A 1132 20.13 -31.26 6.76
N PHE A 1133 21.14 -31.15 7.62
CA PHE A 1133 22.43 -31.78 7.39
C PHE A 1133 22.78 -32.76 8.50
N MET A 1134 22.86 -32.30 9.74
CA MET A 1134 23.23 -33.23 10.79
C MET A 1134 22.18 -34.33 10.88
N PRO A 1135 22.63 -35.58 10.96
CA PRO A 1135 21.71 -36.72 11.14
C PRO A 1135 21.17 -36.83 12.56
N ALA A 1136 21.83 -36.24 13.55
CA ALA A 1136 21.45 -36.40 14.95
C ALA A 1136 21.84 -35.20 15.81
N GLU A 1142 20.12 -27.31 29.79
CA GLU A 1142 21.18 -26.57 30.47
C GLU A 1142 20.93 -26.51 31.97
N LYS A 1143 21.94 -26.93 32.73
CA LYS A 1143 21.96 -26.71 34.18
C LYS A 1143 21.71 -25.24 34.45
N ASN A 1144 20.80 -24.94 35.38
CA ASN A 1144 20.43 -23.54 35.58
C ASN A 1144 21.44 -22.99 36.56
N GLU A 1145 22.40 -22.24 36.03
CA GLU A 1145 23.48 -21.64 36.78
C GLU A 1145 23.25 -20.14 36.83
N THR A 1146 24.13 -19.43 37.52
CA THR A 1146 24.17 -17.98 37.42
C THR A 1146 25.43 -17.62 36.66
N GLN A 1147 25.27 -17.22 35.41
CA GLN A 1147 26.35 -16.76 34.56
C GLN A 1147 26.40 -15.23 34.60
N PHE A 1148 27.45 -14.70 33.96
CA PHE A 1148 27.67 -13.26 33.89
C PHE A 1148 28.09 -12.91 32.48
N ASP A 1149 27.61 -11.77 32.00
CA ASP A 1149 27.98 -11.29 30.68
C ASP A 1149 29.34 -10.61 30.74
N ALA A 1150 29.72 -9.95 29.66
CA ALA A 1150 30.95 -9.16 29.67
C ALA A 1150 30.87 -7.99 30.66
N LYS A 1151 29.66 -7.52 30.98
CA LYS A 1151 29.49 -6.40 31.89
C LYS A 1151 29.32 -6.82 33.36
N GLY A 1152 29.18 -8.12 33.63
CA GLY A 1152 29.02 -8.59 34.99
C GLY A 1152 27.59 -8.73 35.46
N THR A 1153 26.61 -8.68 34.55
CA THR A 1153 25.21 -8.80 34.94
C THR A 1153 24.81 -10.28 35.04
N PRO A 1154 24.20 -10.70 36.14
CA PRO A 1154 23.84 -12.10 36.30
C PRO A 1154 22.63 -12.49 35.44
N PHE A 1155 22.64 -13.76 35.02
CA PHE A 1155 21.47 -14.35 34.39
C PHE A 1155 21.54 -15.85 34.59
N ILE A 1156 20.39 -16.52 34.52
CA ILE A 1156 20.32 -17.95 34.80
C ILE A 1156 20.42 -18.72 33.48
N ALA A 1157 21.31 -19.70 33.46
CA ALA A 1157 21.50 -20.51 32.26
C ALA A 1157 20.29 -21.39 31.99
N GLY A 1158 19.93 -21.51 30.72
CA GLY A 1158 18.80 -22.34 30.33
C GLY A 1158 17.43 -21.77 30.65
N LYS A 1159 17.35 -20.55 31.18
CA LYS A 1159 16.06 -19.95 31.50
C LYS A 1159 15.25 -19.72 30.22
N ARG A 1160 13.95 -20.01 30.30
CA ARG A 1160 13.03 -19.83 29.18
C ARG A 1160 11.89 -18.88 29.55
N ILE A 1161 11.24 -18.33 28.52
CA ILE A 1161 10.11 -17.43 28.70
C ILE A 1161 8.94 -17.87 27.85
N TYR A 1174 5.01 -12.44 28.77
CA TYR A 1174 3.90 -13.23 29.31
C TYR A 1174 4.36 -14.00 30.55
N ARG A 1175 4.81 -15.24 30.33
CA ARG A 1175 5.27 -16.12 31.40
C ARG A 1175 6.72 -16.48 31.17
N ASP A 1176 7.54 -16.39 32.22
CA ASP A 1176 8.93 -16.81 32.18
C ASP A 1176 9.19 -17.79 33.33
N LEU A 1177 9.77 -18.95 33.01
CA LEU A 1177 10.01 -19.99 34.00
C LEU A 1177 11.08 -20.93 33.46
N TYR A 1178 11.66 -21.72 34.37
CA TYR A 1178 12.75 -22.62 34.00
C TYR A 1178 12.19 -24.03 33.84
N PRO A 1179 12.38 -24.69 32.70
CA PRO A 1179 11.89 -26.08 32.56
C PRO A 1179 12.70 -27.12 33.32
N ALA A 1180 13.96 -26.83 33.67
CA ALA A 1180 14.82 -27.87 34.22
C ALA A 1180 14.46 -28.24 35.66
N ASN A 1181 14.18 -27.24 36.50
CA ASN A 1181 14.04 -27.50 37.94
C ASN A 1181 12.80 -28.33 38.28
N GLU A 1182 11.72 -28.24 37.47
CA GLU A 1182 10.68 -29.29 37.62
C GLU A 1182 11.15 -30.68 37.27
N LEU A 1183 11.96 -30.83 36.22
CA LEU A 1183 12.31 -32.20 35.80
C LEU A 1183 13.23 -32.71 36.96
N ILE A 1184 13.97 -31.79 37.60
CA ILE A 1184 14.62 -32.03 38.89
C ILE A 1184 13.63 -32.21 40.04
N ALA A 1185 12.34 -31.93 39.82
CA ALA A 1185 11.22 -32.23 40.71
C ALA A 1185 10.34 -33.36 40.19
N LEU A 1186 9.74 -33.24 39.00
CA LEU A 1186 9.00 -34.29 38.32
C LEU A 1186 9.68 -35.65 38.43
N LEU A 1187 11.00 -35.73 38.22
CA LEU A 1187 11.65 -37.04 38.36
C LEU A 1187 11.70 -37.50 39.82
N GLU A 1188 11.69 -36.58 40.78
CA GLU A 1188 11.60 -36.95 42.18
C GLU A 1188 10.16 -37.14 42.66
N GLU A 1189 9.19 -36.69 41.88
CA GLU A 1189 7.77 -36.87 42.15
C GLU A 1189 7.34 -38.27 41.74
N LYS A 1190 7.92 -38.77 40.65
CA LYS A 1190 7.72 -40.12 40.18
C LYS A 1190 8.75 -41.10 40.77
N GLY A 1191 9.74 -40.60 41.49
CA GLY A 1191 10.76 -41.45 42.08
C GLY A 1191 11.71 -42.08 41.10
N ILE A 1192 11.82 -41.54 39.89
CA ILE A 1192 12.68 -42.11 38.85
C ILE A 1192 14.13 -41.77 39.16
N VAL A 1193 15.01 -42.75 39.05
CA VAL A 1193 16.42 -42.58 39.41
C VAL A 1193 17.18 -42.13 38.16
N PHE A 1194 17.54 -40.86 38.14
CA PHE A 1194 18.27 -40.27 37.02
C PHE A 1194 19.75 -39.98 37.30
N ARG A 1195 20.23 -40.15 38.53
CA ARG A 1195 21.57 -39.64 38.84
C ARG A 1195 22.68 -40.63 38.50
N ASP A 1196 22.33 -41.79 37.97
CA ASP A 1196 23.30 -42.80 37.51
C ASP A 1196 23.57 -42.70 36.02
N GLY A 1197 23.02 -41.70 35.34
CA GLY A 1197 23.14 -41.61 33.90
C GLY A 1197 22.17 -42.48 33.15
N SER A 1198 21.10 -42.92 33.82
CA SER A 1198 20.17 -43.88 33.24
C SER A 1198 19.27 -43.19 32.21
N ASN A 1199 18.86 -43.97 31.22
CA ASN A 1199 17.91 -43.48 30.23
C ASN A 1199 16.53 -43.34 30.88
N ILE A 1200 16.01 -42.12 30.91
CA ILE A 1200 14.78 -41.83 31.62
C ILE A 1200 13.52 -42.12 30.79
N LEU A 1201 13.59 -42.00 29.47
CA LEU A 1201 12.40 -42.10 28.62
C LEU A 1201 11.65 -43.43 28.79
N PRO A 1202 12.29 -44.61 28.74
CA PRO A 1202 11.51 -45.84 28.88
C PRO A 1202 10.85 -46.01 30.24
N LYS A 1203 11.40 -45.37 31.29
CA LYS A 1203 10.77 -45.46 32.60
C LYS A 1203 9.46 -44.67 32.64
N LEU A 1204 9.45 -43.48 32.04
CA LEU A 1204 8.21 -42.70 31.99
C LEU A 1204 7.20 -43.29 31.03
N LEU A 1205 7.66 -43.91 29.93
CA LEU A 1205 6.72 -44.51 28.98
C LEU A 1205 6.15 -45.83 29.49
N GLU A 1206 6.98 -46.64 30.14
CA GLU A 1206 6.48 -47.88 30.76
C GLU A 1206 5.60 -47.56 31.96
N ASN A 1207 5.94 -46.53 32.73
CA ASN A 1207 5.05 -46.09 33.79
C ASN A 1207 3.76 -45.50 33.23
N ASP A 1208 3.85 -44.82 32.08
CA ASP A 1208 2.70 -44.30 31.34
C ASP A 1208 1.80 -43.43 32.23
N ASP A 1209 2.42 -42.48 32.92
CA ASP A 1209 1.67 -41.44 33.59
C ASP A 1209 1.25 -40.40 32.58
N SER A 1210 -0.06 -40.11 32.50
CA SER A 1210 -0.54 -39.16 31.52
C SER A 1210 0.00 -37.75 31.79
N HIS A 1211 -0.14 -37.29 33.03
CA HIS A 1211 0.28 -35.93 33.38
C HIS A 1211 1.79 -35.77 33.29
N ALA A 1212 2.54 -36.77 33.77
CA ALA A 1212 3.99 -36.69 33.73
C ALA A 1212 4.51 -36.65 32.30
N ILE A 1213 3.88 -37.39 31.39
CA ILE A 1213 4.32 -37.40 29.99
C ILE A 1213 3.97 -36.07 29.31
N ASP A 1214 2.75 -35.56 29.55
CA ASP A 1214 2.42 -34.24 28.99
C ASP A 1214 3.38 -33.17 29.49
N THR A 1215 3.76 -33.23 30.78
CA THR A 1215 4.71 -32.26 31.32
C THR A 1215 6.09 -32.40 30.69
N MET A 1216 6.56 -33.65 30.50
CA MET A 1216 7.82 -33.87 29.81
C MET A 1216 7.82 -33.27 28.41
N VAL A 1217 6.76 -33.53 27.64
CA VAL A 1217 6.68 -32.96 26.30
C VAL A 1217 6.65 -31.44 26.35
N ALA A 1218 6.00 -30.85 27.37
CA ALA A 1218 6.04 -29.40 27.53
C ALA A 1218 7.44 -28.89 27.86
N LEU A 1219 8.21 -29.68 28.60
CA LEU A 1219 9.59 -29.28 28.91
C LEU A 1219 10.44 -29.29 27.65
N ILE A 1220 10.33 -30.35 26.85
CA ILE A 1220 11.04 -30.38 25.58
C ILE A 1220 10.57 -29.22 24.70
N ARG A 1221 9.28 -28.86 24.79
CA ARG A 1221 8.79 -27.63 24.15
C ARG A 1221 9.61 -26.42 24.56
N SER A 1222 9.71 -26.17 25.88
CA SER A 1222 10.32 -24.93 26.33
C SER A 1222 11.82 -24.89 26.07
N VAL A 1223 12.51 -26.03 26.18
CA VAL A 1223 13.94 -26.03 25.83
C VAL A 1223 14.14 -25.67 24.37
N LEU A 1224 13.34 -26.27 23.47
CA LEU A 1224 13.48 -26.07 22.02
C LEU A 1224 13.10 -24.67 21.56
N GLN A 1225 12.61 -23.81 22.44
CA GLN A 1225 12.30 -22.43 22.09
C GLN A 1225 13.51 -21.56 22.42
N MET A 1226 14.20 -21.10 21.37
CA MET A 1226 15.44 -20.33 21.55
C MET A 1226 15.17 -18.86 21.84
N ARG A 1227 14.24 -18.25 21.10
CA ARG A 1227 13.94 -16.85 21.31
C ARG A 1227 13.07 -16.74 22.54
N ASN A 1228 13.57 -16.04 23.55
CA ASN A 1228 12.86 -15.88 24.80
C ASN A 1228 12.77 -14.39 25.05
N SER A 1229 11.53 -13.88 25.10
CA SER A 1229 11.28 -12.45 25.12
C SER A 1229 10.12 -12.13 26.05
N ASN A 1230 10.32 -11.13 26.89
CA ASN A 1230 9.25 -10.49 27.64
C ASN A 1230 9.49 -8.98 27.51
N ALA A 1231 8.46 -8.26 27.08
CA ALA A 1231 8.60 -6.83 26.81
C ALA A 1231 8.83 -6.05 28.09
N ALA A 1232 8.13 -6.41 29.16
CA ALA A 1232 8.30 -5.71 30.44
C ALA A 1232 9.74 -5.82 30.92
N THR A 1233 10.30 -7.03 30.91
CA THR A 1233 11.69 -7.19 31.31
C THR A 1233 12.65 -6.58 30.30
N GLY A 1234 12.18 -6.31 29.09
CA GLY A 1234 13.09 -5.97 28.01
C GLY A 1234 14.00 -7.11 27.62
N GLU A 1235 13.59 -8.35 27.84
CA GLU A 1235 14.39 -9.50 27.48
C GLU A 1235 14.00 -9.98 26.09
N ASP A 1236 14.91 -9.88 25.13
CA ASP A 1236 14.79 -10.64 23.89
C ASP A 1236 16.14 -11.30 23.69
N TYR A 1237 16.21 -12.62 23.84
CA TYR A 1237 17.50 -13.27 23.75
C TYR A 1237 17.37 -14.61 23.04
N ILE A 1238 18.52 -15.10 22.58
CA ILE A 1238 18.67 -16.43 21.97
C ILE A 1238 19.47 -17.29 22.92
N ASN A 1239 18.88 -18.41 23.33
CA ASN A 1239 19.58 -19.44 24.10
C ASN A 1239 19.43 -20.76 23.37
N SER A 1240 20.56 -21.44 23.16
CA SER A 1240 20.54 -22.61 22.28
C SER A 1240 20.31 -23.88 23.07
N PRO A 1241 19.36 -24.72 22.64
CA PRO A 1241 19.21 -26.05 23.26
C PRO A 1241 20.31 -27.06 22.96
N VAL A 1242 21.08 -26.94 21.87
CA VAL A 1242 22.11 -27.95 21.60
C VAL A 1242 23.50 -27.30 21.64
N ARG A 1243 24.49 -28.15 21.88
CA ARG A 1243 25.89 -27.77 22.03
C ARG A 1243 26.63 -28.06 20.74
N ASP A 1244 27.42 -27.08 20.27
CA ASP A 1244 28.17 -27.26 19.04
C ASP A 1244 29.33 -28.23 19.27
N LEU A 1245 30.14 -28.46 18.23
CA LEU A 1245 31.28 -29.34 18.39
C LEU A 1245 32.39 -28.72 19.22
N ASN A 1246 32.32 -27.44 19.54
CA ASN A 1246 33.28 -26.81 20.44
C ASN A 1246 32.81 -26.80 21.89
N GLY A 1247 31.67 -27.41 22.18
CA GLY A 1247 31.20 -27.49 23.55
C GLY A 1247 30.64 -26.21 24.13
N VAL A 1248 30.01 -25.37 23.31
CA VAL A 1248 29.44 -24.12 23.75
C VAL A 1248 27.96 -24.10 23.44
N CYS A 1249 27.14 -23.78 24.44
CA CYS A 1249 25.74 -23.46 24.23
C CYS A 1249 25.64 -21.93 24.09
N PHE A 1250 25.34 -21.46 22.89
CA PHE A 1250 25.25 -20.03 22.67
C PHE A 1250 24.12 -19.42 23.47
N ASP A 1251 24.42 -18.32 24.14
CA ASP A 1251 23.42 -17.49 24.79
C ASP A 1251 23.74 -16.03 24.46
N SER A 1252 22.77 -15.33 23.89
CA SER A 1252 22.96 -13.92 23.58
C SER A 1252 23.03 -13.05 24.83
N ARG A 1253 22.79 -13.64 26.01
CA ARG A 1253 22.91 -12.92 27.27
C ARG A 1253 24.36 -12.83 27.76
N PHE A 1254 25.27 -13.60 27.17
CA PHE A 1254 26.69 -13.44 27.49
C PHE A 1254 27.27 -12.13 26.97
N GLN A 1255 26.60 -11.50 26.00
CA GLN A 1255 26.97 -10.18 25.48
C GLN A 1255 28.34 -10.19 24.81
N ASN A 1256 28.70 -11.29 24.18
CA ASN A 1256 29.94 -11.35 23.41
C ASN A 1256 29.74 -10.61 22.10
N PRO A 1257 30.50 -9.54 21.82
CA PRO A 1257 30.26 -8.78 20.58
C PRO A 1257 30.56 -9.55 19.31
N GLU A 1258 31.42 -10.59 19.37
CA GLU A 1258 31.67 -11.43 18.22
C GLU A 1258 30.40 -12.09 17.69
N TRP A 1259 29.37 -12.17 18.51
CA TRP A 1259 28.13 -12.86 18.20
C TRP A 1259 26.96 -11.96 18.51
N PRO A 1260 25.78 -12.28 17.99
CA PRO A 1260 24.63 -11.37 18.14
C PRO A 1260 24.24 -11.14 19.60
N MET A 1261 23.88 -9.89 19.89
CA MET A 1261 23.55 -9.47 21.25
C MET A 1261 22.11 -9.81 21.65
N ASP A 1262 21.20 -9.84 20.69
CA ASP A 1262 19.79 -10.10 20.99
C ASP A 1262 19.18 -10.84 19.80
N ALA A 1263 17.98 -11.38 20.02
CA ALA A 1263 17.28 -12.17 18.99
C ALA A 1263 17.26 -11.45 17.64
N ASP A 1264 16.92 -10.15 17.64
CA ASP A 1264 16.85 -9.41 16.40
C ASP A 1264 18.22 -9.30 15.74
N ALA A 1265 19.28 -9.12 16.54
CA ALA A 1265 20.64 -9.04 15.98
C ALA A 1265 21.01 -10.33 15.25
N ASN A 1266 20.76 -11.47 15.88
CA ASN A 1266 20.91 -12.74 15.19
C ASN A 1266 20.10 -12.76 13.92
N GLY A 1267 18.89 -12.18 13.98
CA GLY A 1267 18.03 -12.10 12.83
C GLY A 1267 18.68 -11.44 11.64
N ALA A 1268 19.08 -10.18 11.82
CA ALA A 1268 19.77 -9.49 10.73
C ALA A 1268 21.00 -10.25 10.30
N TYR A 1269 21.71 -10.86 11.25
CA TYR A 1269 23.00 -11.47 10.96
C TYR A 1269 22.85 -12.62 9.96
N HIS A 1270 21.99 -13.61 10.24
CA HIS A 1270 21.84 -14.63 9.20
C HIS A 1270 21.18 -14.07 7.95
N ILE A 1271 20.32 -13.05 8.07
CA ILE A 1271 19.74 -12.48 6.84
C ILE A 1271 20.85 -12.04 5.88
N ALA A 1272 21.80 -11.24 6.37
CA ALA A 1272 22.90 -10.83 5.50
C ALA A 1272 23.74 -12.03 5.07
N LEU A 1273 23.98 -12.97 5.98
CA LEU A 1273 24.85 -14.10 5.64
C LEU A 1273 24.26 -14.91 4.48
N LYS A 1274 22.94 -15.05 4.43
CA LYS A 1274 22.29 -15.74 3.33
C LYS A 1274 22.67 -15.11 1.99
N GLY A 1275 22.86 -13.78 1.98
CA GLY A 1275 23.39 -13.15 0.78
C GLY A 1275 24.74 -13.69 0.38
N GLN A 1276 25.58 -13.96 1.38
CA GLN A 1276 26.88 -14.55 1.12
C GLN A 1276 26.67 -15.93 0.49
N LEU A 1277 25.68 -16.65 0.99
CA LEU A 1277 25.32 -17.96 0.46
C LEU A 1277 24.90 -17.88 -1.01
N LEU A 1278 24.15 -16.83 -1.35
CA LEU A 1278 23.63 -16.64 -2.69
C LEU A 1278 24.75 -16.27 -3.67
N LEU A 1279 25.45 -15.17 -3.37
CA LEU A 1279 26.54 -14.76 -4.22
C LEU A 1279 27.73 -15.70 -4.12
N ASN A 1280 27.75 -16.56 -3.10
CA ASN A 1280 28.70 -17.66 -3.03
C ASN A 1280 28.24 -18.85 -3.85
N HIS A 1281 26.93 -19.01 -4.07
CA HIS A 1281 26.48 -19.99 -5.04
C HIS A 1281 26.88 -19.57 -6.45
N LEU A 1282 26.68 -18.30 -6.80
CA LEU A 1282 27.10 -17.91 -8.14
C LEU A 1282 28.56 -17.50 -8.22
N LYS A 1283 29.26 -17.44 -7.09
CA LYS A 1283 30.71 -17.64 -7.11
C LYS A 1283 31.03 -19.09 -7.42
N GLU A 1284 30.24 -20.01 -6.88
CA GLU A 1284 30.50 -21.44 -7.03
C GLU A 1284 30.25 -21.93 -8.45
N SER A 1285 29.25 -21.38 -9.12
CA SER A 1285 28.99 -21.71 -10.51
C SER A 1285 29.49 -20.57 -11.39
N LYS A 1286 30.31 -20.89 -12.38
CA LYS A 1286 30.86 -19.88 -13.26
C LYS A 1286 29.75 -19.14 -13.99
N ASP A 1287 29.89 -17.81 -14.08
CA ASP A 1287 29.02 -16.90 -14.85
C ASP A 1287 27.57 -16.87 -14.35
N LEU A 1288 26.57 -17.21 -15.15
CA LEU A 1288 25.13 -17.07 -15.03
C LEU A 1288 24.48 -15.70 -14.78
N LYS A 1289 23.56 -15.72 -13.82
CA LYS A 1289 22.67 -14.64 -13.44
C LYS A 1289 21.99 -15.05 -12.13
N LEU A 1290 21.66 -14.05 -11.29
CA LEU A 1290 21.40 -14.32 -9.88
C LEU A 1290 20.28 -15.33 -9.65
N GLN A 1291 20.40 -16.07 -8.55
CA GLN A 1291 19.57 -17.22 -8.22
C GLN A 1291 18.14 -16.79 -7.87
N ASN A 1292 17.19 -17.70 -8.07
CA ASN A 1292 15.77 -17.46 -7.80
C ASN A 1292 15.39 -18.15 -6.49
N GLY A 1293 15.26 -17.34 -5.46
CA GLY A 1293 14.70 -17.80 -4.21
C GLY A 1293 15.72 -18.58 -3.43
N ILE A 1294 15.43 -18.82 -2.17
CA ILE A 1294 16.17 -19.80 -1.40
C ILE A 1294 15.16 -20.71 -0.76
N SER A 1295 15.34 -22.00 -0.94
CA SER A 1295 14.47 -22.91 -0.21
C SER A 1295 14.98 -23.09 1.21
N ASN A 1296 14.05 -23.39 2.12
CA ASN A 1296 14.42 -23.54 3.53
C ASN A 1296 15.38 -24.70 3.73
N GLN A 1297 15.14 -25.79 3.00
CA GLN A 1297 15.99 -26.98 3.08
C GLN A 1297 17.42 -26.74 2.60
N ASP A 1298 17.58 -26.01 1.51
CA ASP A 1298 18.90 -25.65 1.00
C ASP A 1298 19.61 -24.68 1.94
N TRP A 1299 18.87 -23.72 2.49
CA TRP A 1299 19.50 -22.79 3.40
C TRP A 1299 19.93 -23.51 4.67
N LEU A 1300 19.04 -24.32 5.20
CA LEU A 1300 19.23 -24.84 6.54
C LEU A 1300 20.48 -25.71 6.63
N ALA A 1301 20.68 -26.54 5.61
CA ALA A 1301 21.79 -27.48 5.63
C ALA A 1301 23.07 -26.69 5.71
N TYR A 1302 23.06 -25.57 5.02
CA TYR A 1302 24.27 -24.89 4.65
C TYR A 1302 25.09 -24.52 5.87
N ILE A 1303 24.44 -23.84 6.79
CA ILE A 1303 25.13 -23.23 7.91
C ILE A 1303 26.03 -24.25 8.54
N GLN A 1304 25.48 -25.43 8.67
CA GLN A 1304 26.03 -26.46 9.50
C GLN A 1304 27.38 -26.97 9.08
N GLU A 1305 27.52 -27.24 7.80
CA GLU A 1305 28.79 -27.73 7.32
C GLU A 1305 29.75 -26.60 7.54
N LEU A 1306 29.27 -25.39 7.27
CA LEU A 1306 30.08 -24.22 7.52
C LEU A 1306 30.37 -24.16 9.00
N ARG A 1307 29.37 -24.50 9.80
CA ARG A 1307 29.49 -24.33 11.24
C ARG A 1307 29.87 -25.54 12.09
N ASN A 1308 30.06 -26.69 11.47
CA ASN A 1308 30.39 -27.88 12.24
C ASN A 1308 31.69 -28.50 11.80
#